data_8APP
#
_entry.id   8APP
#
_cell.length_a   41.653
_cell.length_b   184.777
_cell.length_c   57.904
_cell.angle_alpha   90.000
_cell.angle_beta   110.690
_cell.angle_gamma   90.000
#
_symmetry.space_group_name_H-M   'P 1 21 1'
#
loop_
_entity.id
_entity.type
_entity.pdbx_description
1 polymer Endolysin
2 non-polymer 'PHOSPHATE ION'
3 non-polymer GLYCEROL
4 water water
#
_entity_poly.entity_id   1
_entity_poly.type   'polypeptide(L)'
_entity_poly.pdbx_seq_one_letter_code
;MDVKPFFDAARELAGGRLTQAQVDELNKVVNRLVPDDVDISDLGVDLIRQFEGLRTRAYQDSVGIWTIGYGTIRYPNGVA
VKAGDVCTEEQAKSYMKHDLQKFVKAVNKLVTVPLKQTQFDALVSLVYNIGEGAFAGSTLLKKLNSKDYAGAAAQFLVWN
KGRVKGKLEVIPGLTNRRKKEKAYFEQHHHHHH
;
_entity_poly.pdbx_strand_id   A,B,C,D
#
# COMPACT_ATOMS: atom_id res chain seq x y z
N ASP A 2 -21.62 48.73 9.66
CA ASP A 2 -21.80 49.75 10.70
C ASP A 2 -21.45 49.26 12.12
N VAL A 3 -20.26 49.59 12.60
CA VAL A 3 -19.83 49.10 13.91
C VAL A 3 -20.08 50.10 15.03
N LYS A 4 -20.70 51.24 14.74
CA LYS A 4 -20.93 52.25 15.78
C LYS A 4 -21.76 51.73 16.95
N PRO A 5 -22.87 51.01 16.74
CA PRO A 5 -23.58 50.43 17.91
C PRO A 5 -22.73 49.49 18.73
N PHE A 6 -21.90 48.70 18.07
CA PHE A 6 -21.01 47.79 18.79
C PHE A 6 -19.97 48.54 19.59
N PHE A 7 -19.34 49.55 18.97
CA PHE A 7 -18.35 50.35 19.67
C PHE A 7 -18.97 51.13 20.83
N ASP A 8 -20.20 51.62 20.67
CA ASP A 8 -20.86 52.33 21.76
C ASP A 8 -21.23 51.38 22.91
N ALA A 9 -21.72 50.19 22.56
CA ALA A 9 -21.96 49.18 23.60
C ALA A 9 -20.67 48.83 24.32
N ALA A 10 -19.54 48.84 23.62
CA ALA A 10 -18.28 48.53 24.28
C ALA A 10 -17.84 49.67 25.18
N ARG A 11 -18.07 50.91 24.76
CA ARG A 11 -17.78 52.05 25.63
C ARG A 11 -18.48 51.91 26.98
N GLU A 12 -19.75 51.49 26.97
CA GLU A 12 -20.47 51.24 28.22
C GLU A 12 -19.70 50.29 29.12
N LEU A 13 -19.30 49.15 28.56
CA LEU A 13 -18.60 48.15 29.35
C LEU A 13 -17.31 48.66 29.95
N ALA A 14 -16.63 49.57 29.24
CA ALA A 14 -15.30 50.02 29.64
C ALA A 14 -15.34 51.21 30.58
N GLY A 15 -16.50 51.82 30.80
CA GLY A 15 -16.62 53.00 31.64
C GLY A 15 -16.95 54.27 30.90
N GLY A 16 -17.15 54.22 29.58
CA GLY A 16 -17.53 55.41 28.83
C GLY A 16 -16.65 55.76 27.65
N ARG A 17 -15.34 55.53 27.78
CA ARG A 17 -14.34 55.73 26.74
C ARG A 17 -13.66 54.39 26.48
N LEU A 18 -12.97 54.30 25.34
CA LEU A 18 -12.13 53.15 25.01
C LEU A 18 -10.68 53.62 24.93
N THR A 19 -9.78 52.86 25.55
CA THR A 19 -8.36 53.12 25.35
C THR A 19 -7.95 52.69 23.94
N GLN A 20 -6.75 53.11 23.53
CA GLN A 20 -6.25 52.68 22.23
C GLN A 20 -6.07 51.16 22.18
N ALA A 21 -5.55 50.57 23.26
CA ALA A 21 -5.40 49.12 23.29
C ALA A 21 -6.76 48.43 23.19
N GLN A 22 -7.76 48.95 23.89
CA GLN A 22 -9.09 48.35 23.81
C GLN A 22 -9.68 48.47 22.41
N VAL A 23 -9.41 49.58 21.72
CA VAL A 23 -9.91 49.71 20.34
C VAL A 23 -9.30 48.63 19.46
N ASP A 24 -8.01 48.34 19.67
CA ASP A 24 -7.33 47.30 18.90
C ASP A 24 -7.94 45.93 19.18
N GLU A 25 -8.29 45.67 20.44
CA GLU A 25 -8.89 44.38 20.77
C GLU A 25 -10.30 44.27 20.21
N LEU A 26 -11.06 45.37 20.25
CA LEU A 26 -12.35 45.41 19.62
C LEU A 26 -12.25 45.14 18.13
N ASN A 27 -11.25 45.75 17.47
CA ASN A 27 -11.13 45.61 16.02
C ASN A 27 -10.86 44.16 15.63
N LYS A 28 -10.08 43.45 16.46
CA LYS A 28 -9.87 42.02 16.25
C LYS A 28 -11.16 41.25 16.38
N VAL A 29 -12.01 41.61 17.34
CA VAL A 29 -13.27 40.90 17.52
C VAL A 29 -14.21 41.18 16.35
N VAL A 30 -14.23 42.41 15.83
CA VAL A 30 -15.15 42.73 14.73
C VAL A 30 -14.91 41.81 13.55
N ASN A 31 -13.66 41.41 13.34
CA ASN A 31 -13.35 40.51 12.23
C ASN A 31 -13.99 39.14 12.40
N ARG A 32 -14.14 38.68 13.63
CA ARG A 32 -14.73 37.38 13.92
C ARG A 32 -16.25 37.45 13.96
N LEU A 33 -16.83 38.66 13.90
CA LEU A 33 -18.27 38.85 14.01
C LEU A 33 -18.96 38.90 12.64
N VAL A 34 -18.33 38.39 11.60
CA VAL A 34 -19.03 38.17 10.34
C VAL A 34 -19.99 36.99 10.53
N PRO A 35 -21.09 36.93 9.79
CA PRO A 35 -22.07 35.86 10.03
C PRO A 35 -21.46 34.47 9.86
N ASP A 36 -21.74 33.60 10.83
CA ASP A 36 -21.21 32.25 10.97
C ASP A 36 -19.70 32.20 11.24
N ASP A 37 -19.06 33.33 11.54
CA ASP A 37 -17.64 33.40 11.90
C ASP A 37 -16.77 33.14 10.67
N VAL A 38 -15.46 33.30 10.82
CA VAL A 38 -14.55 33.03 9.71
C VAL A 38 -14.57 31.53 9.40
N ASP A 39 -14.74 31.20 8.12
CA ASP A 39 -14.93 29.84 7.66
C ASP A 39 -14.04 29.57 6.44
N ILE A 40 -13.87 28.29 6.10
CA ILE A 40 -13.19 27.99 4.85
C ILE A 40 -14.11 28.36 3.69
N SER A 41 -13.52 28.94 2.65
CA SER A 41 -14.31 29.32 1.48
C SER A 41 -14.54 28.11 0.58
N ASP A 42 -15.45 28.25 -0.37
CA ASP A 42 -15.66 27.15 -1.31
C ASP A 42 -14.42 26.94 -2.18
N LEU A 43 -13.61 27.98 -2.37
CA LEU A 43 -12.35 27.82 -3.08
C LEU A 43 -11.34 27.04 -2.23
N GLY A 44 -11.35 27.26 -0.92
CA GLY A 44 -10.50 26.48 -0.04
C GLY A 44 -10.88 25.01 0.01
N VAL A 45 -12.19 24.74 -0.04
CA VAL A 45 -12.66 23.36 -0.18
C VAL A 45 -12.16 22.78 -1.50
N ASP A 46 -12.21 23.57 -2.58
CA ASP A 46 -11.66 23.10 -3.85
C ASP A 46 -10.18 22.78 -3.71
N LEU A 47 -9.43 23.64 -3.02
CA LEU A 47 -8.01 23.39 -2.78
C LEU A 47 -7.80 22.03 -2.14
N ILE A 48 -8.65 21.66 -1.19
CA ILE A 48 -8.45 20.43 -0.43
C ILE A 48 -8.92 19.20 -1.22
N ARG A 49 -10.09 19.29 -1.88
CA ARG A 49 -10.67 18.14 -2.59
C ARG A 49 -9.75 17.61 -3.64
N GLN A 50 -8.96 18.49 -4.25
CA GLN A 50 -8.16 18.09 -5.40
C GLN A 50 -7.11 17.05 -5.04
N PHE A 51 -6.73 16.99 -3.77
CA PHE A 51 -5.74 16.03 -3.29
C PHE A 51 -6.35 14.69 -2.91
N GLU A 52 -7.66 14.54 -3.02
CA GLU A 52 -8.32 13.30 -2.63
C GLU A 52 -9.18 12.78 -3.76
N GLY A 53 -9.62 11.54 -3.60
CA GLY A 53 -10.46 10.90 -4.60
C GLY A 53 -11.93 11.06 -4.23
N LEU A 54 -12.74 11.32 -5.25
CA LEU A 54 -14.18 11.41 -5.09
C LEU A 54 -14.80 10.04 -5.29
N ARG A 55 -15.54 9.58 -4.28
CA ARG A 55 -16.29 8.33 -4.34
C ARG A 55 -17.77 8.62 -4.25
N THR A 56 -18.53 8.22 -5.27
CA THR A 56 -19.97 8.45 -5.28
C THR A 56 -20.73 7.33 -4.59
N ARG A 57 -20.07 6.21 -4.28
CA ARG A 57 -20.66 5.04 -3.64
C ARG A 57 -19.97 4.82 -2.32
N ALA A 58 -20.75 4.50 -1.28
CA ALA A 58 -20.16 4.19 0.02
C ALA A 58 -19.28 2.95 -0.06
N TYR A 59 -18.16 2.98 0.65
CA TYR A 59 -17.19 1.88 0.61
C TYR A 59 -16.49 1.81 1.96
N GLN A 60 -15.81 0.70 2.20
CA GLN A 60 -15.10 0.52 3.46
C GLN A 60 -13.64 0.91 3.27
N ASP A 61 -13.15 1.80 4.14
CA ASP A 61 -11.77 2.27 4.02
C ASP A 61 -10.83 1.17 4.53
N SER A 62 -9.53 1.49 4.65
CA SER A 62 -8.54 0.47 4.99
C SER A 62 -8.77 -0.11 6.39
N VAL A 63 -9.30 0.67 7.32
CA VAL A 63 -9.56 0.19 8.69
C VAL A 63 -11.03 -0.21 8.89
N GLY A 64 -11.76 -0.48 7.80
CA GLY A 64 -13.10 -1.03 7.90
C GLY A 64 -14.25 -0.03 7.97
N ILE A 65 -13.99 1.28 8.03
CA ILE A 65 -15.04 2.28 8.24
C ILE A 65 -15.70 2.66 6.93
N TRP A 66 -17.04 2.62 6.91
CA TRP A 66 -17.81 3.00 5.72
C TRP A 66 -17.66 4.49 5.43
N THR A 67 -17.33 4.81 4.18
CA THR A 67 -16.86 6.11 3.77
C THR A 67 -17.53 6.48 2.45
N ILE A 68 -17.76 7.78 2.23
CA ILE A 68 -18.36 8.23 0.97
C ILE A 68 -17.80 9.60 0.64
N GLY A 69 -17.85 9.95 -0.65
CA GLY A 69 -17.49 11.31 -1.06
C GLY A 69 -15.99 11.48 -1.03
N TYR A 70 -15.54 12.52 -0.33
CA TYR A 70 -14.12 12.80 -0.10
C TYR A 70 -13.70 12.38 1.31
N GLY A 71 -13.91 11.11 1.63
CA GLY A 71 -13.51 10.64 2.96
C GLY A 71 -14.49 10.89 4.06
N THR A 72 -15.76 11.12 3.74
CA THR A 72 -16.75 11.43 4.76
C THR A 72 -17.24 10.13 5.39
N ILE A 73 -17.27 10.08 6.73
CA ILE A 73 -17.79 8.90 7.43
C ILE A 73 -19.07 9.18 8.19
N ARG A 74 -19.46 10.45 8.37
CA ARG A 74 -20.68 10.81 9.08
C ARG A 74 -21.24 12.03 8.38
N TYR A 75 -22.54 12.02 8.12
CA TYR A 75 -23.20 13.12 7.42
C TYR A 75 -23.32 14.35 8.33
N PRO A 76 -23.63 15.51 7.76
CA PRO A 76 -23.79 16.72 8.60
C PRO A 76 -24.78 16.56 9.73
N ASN A 77 -25.83 15.77 9.55
CA ASN A 77 -26.81 15.59 10.62
C ASN A 77 -26.39 14.56 11.66
N GLY A 78 -25.15 14.05 11.59
CA GLY A 78 -24.63 13.15 12.60
C GLY A 78 -24.72 11.68 12.25
N VAL A 79 -25.46 11.32 11.22
CA VAL A 79 -25.72 9.91 10.90
C VAL A 79 -24.52 9.31 10.17
N ALA A 80 -24.15 8.09 10.55
CA ALA A 80 -23.01 7.44 9.93
C ALA A 80 -23.35 6.97 8.52
N VAL A 81 -22.38 7.14 7.60
CA VAL A 81 -22.42 6.49 6.29
C VAL A 81 -22.55 4.98 6.45
N LYS A 82 -23.36 4.36 5.58
CA LYS A 82 -23.53 2.91 5.61
C LYS A 82 -23.53 2.39 4.17
N ALA A 83 -23.46 1.06 4.05
CA ALA A 83 -23.53 0.42 2.75
C ALA A 83 -24.77 0.85 2.00
N GLY A 84 -24.61 1.04 0.69
CA GLY A 84 -25.70 1.42 -0.17
C GLY A 84 -25.92 2.90 -0.34
N ASP A 85 -25.22 3.72 0.44
CA ASP A 85 -25.34 5.17 0.29
C ASP A 85 -24.69 5.65 -1.01
N VAL A 86 -25.26 6.72 -1.57
CA VAL A 86 -24.77 7.30 -2.82
C VAL A 86 -24.78 8.82 -2.65
N CYS A 87 -23.83 9.49 -3.31
CA CYS A 87 -23.77 10.94 -3.22
C CYS A 87 -23.29 11.53 -4.53
N THR A 88 -23.67 12.78 -4.77
CA THR A 88 -23.19 13.51 -5.94
C THR A 88 -21.90 14.24 -5.56
N GLU A 89 -21.19 14.73 -6.57
CA GLU A 89 -20.06 15.62 -6.31
C GLU A 89 -20.45 16.78 -5.40
N GLU A 90 -21.60 17.41 -5.69
CA GLU A 90 -22.00 18.59 -4.93
C GLU A 90 -22.31 18.23 -3.47
N GLN A 91 -22.95 17.09 -3.25
CA GLN A 91 -23.15 16.64 -1.88
C GLN A 91 -21.83 16.36 -1.19
N ALA A 92 -20.89 15.72 -1.91
CA ALA A 92 -19.61 15.37 -1.30
C ALA A 92 -18.84 16.62 -0.85
N LYS A 93 -18.92 17.69 -1.64
CA LYS A 93 -18.30 18.96 -1.24
C LYS A 93 -18.93 19.50 0.04
N SER A 94 -20.25 19.48 0.11
CA SER A 94 -20.95 19.97 1.29
C SER A 94 -20.62 19.12 2.52
N TYR A 95 -20.54 17.79 2.36
CA TYR A 95 -20.16 16.93 3.48
C TYR A 95 -18.74 17.23 3.93
N MET A 96 -17.82 17.43 2.99
CA MET A 96 -16.43 17.73 3.36
C MET A 96 -16.33 19.07 4.07
N LYS A 97 -17.05 20.07 3.59
CA LYS A 97 -17.11 21.34 4.28
C LYS A 97 -17.54 21.15 5.71
N HIS A 98 -18.52 20.28 5.95
CA HIS A 98 -18.91 20.06 7.33
C HIS A 98 -17.82 19.34 8.10
N ASP A 99 -17.13 18.39 7.45
CA ASP A 99 -16.08 17.69 8.19
C ASP A 99 -14.89 18.59 8.52
N LEU A 100 -14.72 19.69 7.80
CA LEU A 100 -13.62 20.60 8.09
C LEU A 100 -13.89 21.54 9.25
N GLN A 101 -15.09 21.52 9.84
CA GLN A 101 -15.43 22.58 10.79
C GLN A 101 -14.60 22.48 12.05
N LYS A 102 -14.24 21.27 12.48
CA LYS A 102 -13.32 21.13 13.60
C LYS A 102 -12.03 21.89 13.36
N PHE A 103 -11.53 21.86 12.12
CA PHE A 103 -10.24 22.43 11.79
C PHE A 103 -10.34 23.92 11.48
N VAL A 104 -11.47 24.35 10.92
CA VAL A 104 -11.77 25.78 10.87
C VAL A 104 -11.72 26.37 12.27
N LYS A 105 -12.48 25.78 13.20
CA LYS A 105 -12.48 26.24 14.58
C LYS A 105 -11.08 26.27 15.18
N ALA A 106 -10.27 25.26 14.86
CA ALA A 106 -8.92 25.19 15.42
C ALA A 106 -8.04 26.32 14.92
N VAL A 107 -8.08 26.58 13.62
CA VAL A 107 -7.28 27.69 13.07
C VAL A 107 -7.72 29.02 13.69
N ASN A 108 -9.04 29.25 13.79
CA ASN A 108 -9.53 30.50 14.36
C ASN A 108 -9.03 30.70 15.79
N LYS A 109 -9.10 29.65 16.59
CA LYS A 109 -8.70 29.70 18.00
C LYS A 109 -7.18 29.84 18.15
N LEU A 110 -6.42 29.02 17.43
CA LEU A 110 -4.99 28.93 17.64
C LEU A 110 -4.22 30.08 16.99
N VAL A 111 -4.75 30.64 15.90
CA VAL A 111 -4.13 31.80 15.24
C VAL A 111 -4.70 33.06 15.88
N THR A 112 -3.81 33.86 16.47
CA THR A 112 -4.18 35.07 17.20
C THR A 112 -3.92 36.34 16.41
N VAL A 113 -3.11 36.27 15.36
CA VAL A 113 -2.91 37.40 14.46
C VAL A 113 -3.98 37.32 13.37
N PRO A 114 -4.27 38.40 12.65
CA PRO A 114 -5.28 38.34 11.59
C PRO A 114 -4.73 37.71 10.32
N LEU A 115 -5.66 37.28 9.47
CA LEU A 115 -5.36 36.49 8.29
C LEU A 115 -6.28 36.90 7.15
N LYS A 116 -5.75 36.84 5.92
CA LYS A 116 -6.60 36.96 4.75
C LYS A 116 -7.31 35.61 4.52
N GLN A 117 -8.44 35.66 3.80
CA GLN A 117 -9.19 34.44 3.48
C GLN A 117 -8.32 33.39 2.80
N THR A 118 -7.40 33.82 1.93
CA THR A 118 -6.56 32.85 1.23
C THR A 118 -5.53 32.24 2.17
N GLN A 119 -5.00 33.03 3.10
CA GLN A 119 -4.14 32.48 4.13
C GLN A 119 -4.93 31.49 4.99
N PHE A 120 -6.16 31.85 5.36
CA PHE A 120 -6.97 30.96 6.21
C PHE A 120 -7.25 29.63 5.52
N ASP A 121 -7.67 29.67 4.26
CA ASP A 121 -8.01 28.45 3.52
C ASP A 121 -6.81 27.50 3.45
N ALA A 122 -5.63 28.04 3.17
CA ALA A 122 -4.42 27.22 3.05
C ALA A 122 -4.05 26.61 4.39
N LEU A 123 -4.22 27.37 5.48
CA LEU A 123 -3.97 26.85 6.82
C LEU A 123 -4.97 25.76 7.18
N VAL A 124 -6.23 25.87 6.75
CA VAL A 124 -7.17 24.80 7.05
C VAL A 124 -6.79 23.53 6.31
N SER A 125 -6.25 23.66 5.09
CA SER A 125 -5.84 22.49 4.31
C SER A 125 -4.69 21.76 5.00
N LEU A 126 -3.69 22.52 5.42
CA LEU A 126 -2.54 21.98 6.15
C LEU A 126 -2.98 21.24 7.42
N VAL A 127 -3.80 21.89 8.26
CA VAL A 127 -4.20 21.34 9.55
C VAL A 127 -5.13 20.14 9.40
N TYR A 128 -6.01 20.13 8.38
CA TYR A 128 -6.76 18.94 8.06
C TYR A 128 -5.84 17.74 7.84
N ASN A 129 -4.71 17.99 7.18
CA ASN A 129 -3.78 16.95 6.77
C ASN A 129 -2.74 16.60 7.84
N ILE A 130 -2.43 17.51 8.77
CA ILE A 130 -1.42 17.18 9.79
C ILE A 130 -2.02 17.06 11.18
N GLY A 131 -3.23 17.54 11.41
CA GLY A 131 -3.88 17.44 12.71
C GLY A 131 -3.75 18.74 13.52
N GLU A 132 -4.69 18.88 14.48
CA GLU A 132 -4.68 20.04 15.39
C GLU A 132 -3.46 20.06 16.30
N GLY A 133 -3.10 18.92 16.88
CA GLY A 133 -1.97 18.93 17.82
C GLY A 133 -0.67 19.29 17.14
N ALA A 134 -0.38 18.66 16.01
CA ALA A 134 0.83 18.99 15.26
C ALA A 134 0.87 20.47 14.91
N PHE A 135 -0.25 21.03 14.45
CA PHE A 135 -0.30 22.45 14.11
C PHE A 135 -0.11 23.32 15.36
N ALA A 136 -0.78 22.96 16.45
CA ALA A 136 -0.68 23.74 17.68
C ALA A 136 0.74 23.78 18.23
N GLY A 137 1.43 22.64 18.24
CA GLY A 137 2.79 22.63 18.74
C GLY A 137 3.83 23.12 17.77
N SER A 138 3.40 23.66 16.63
CA SER A 138 4.27 23.76 15.45
C SER A 138 5.06 25.05 15.42
N THR A 139 6.33 24.93 15.01
CA THR A 139 7.15 26.10 14.75
C THR A 139 6.48 27.05 13.78
N LEU A 140 5.65 26.52 12.87
CA LEU A 140 4.88 27.38 11.96
C LEU A 140 3.94 28.32 12.72
N LEU A 141 3.26 27.79 13.75
CA LEU A 141 2.32 28.62 14.48
C LEU A 141 3.06 29.62 15.37
N LYS A 142 4.28 29.27 15.79
CA LYS A 142 5.11 30.25 16.50
C LYS A 142 5.40 31.42 15.59
N LYS A 143 5.96 31.14 14.41
CA LYS A 143 6.35 32.22 13.51
C LYS A 143 5.15 33.01 12.98
N LEU A 144 4.00 32.35 12.75
CA LEU A 144 2.86 33.06 12.18
C LEU A 144 2.30 34.06 13.19
N ASN A 145 2.08 33.61 14.43
CA ASN A 145 1.62 34.51 15.46
C ASN A 145 2.69 35.57 15.72
N SER A 146 2.84 36.49 14.77
CA SER A 146 3.89 37.49 14.77
C SER A 146 3.73 38.41 13.56
N LYS A 147 2.66 38.18 12.78
CA LYS A 147 2.44 38.85 11.49
C LYS A 147 3.58 38.56 10.50
N ASP A 148 4.39 37.56 10.82
CA ASP A 148 5.44 37.03 9.95
C ASP A 148 4.81 36.08 8.94
N TYR A 149 4.27 36.62 7.86
CA TYR A 149 3.74 35.77 6.79
C TYR A 149 4.85 35.25 5.87
N ALA A 150 6.03 34.98 6.43
CA ALA A 150 7.17 34.50 5.68
C ALA A 150 7.69 33.20 6.28
N GLY A 151 8.13 33.27 7.54
CA GLY A 151 8.55 32.06 8.24
C GLY A 151 7.43 31.06 8.41
N ALA A 152 6.19 31.54 8.45
CA ALA A 152 5.03 30.65 8.42
C ALA A 152 4.85 30.03 7.04
N ALA A 153 4.87 30.87 5.99
CA ALA A 153 4.68 30.37 4.64
C ALA A 153 5.83 29.46 4.21
N ALA A 154 7.02 29.65 4.78
CA ALA A 154 8.13 28.76 4.52
C ALA A 154 8.00 27.46 5.29
N GLN A 155 7.34 27.50 6.45
CA GLN A 155 7.13 26.30 7.24
C GLN A 155 6.16 25.32 6.60
N PHE A 156 5.43 25.74 5.56
CA PHE A 156 4.58 24.80 4.85
C PHE A 156 5.40 23.66 4.28
N LEU A 157 6.48 24.01 3.57
CA LEU A 157 7.35 23.03 2.91
C LEU A 157 7.99 22.06 3.89
N VAL A 158 8.02 22.38 5.18
CA VAL A 158 8.62 21.50 6.17
C VAL A 158 7.76 20.26 6.42
N TRP A 159 6.48 20.31 6.07
CA TRP A 159 5.55 19.25 6.44
C TRP A 159 5.28 18.31 5.28
N ASN A 160 6.34 17.80 4.63
CA ASN A 160 6.23 16.88 3.50
C ASN A 160 6.67 15.46 3.83
N LYS A 161 6.69 15.07 5.10
CA LYS A 161 7.12 13.74 5.51
C LYS A 161 5.91 12.92 5.94
N GLY A 162 6.00 11.61 5.76
CA GLY A 162 4.99 10.68 6.20
C GLY A 162 5.65 9.34 6.35
N ARG A 163 4.90 8.37 6.88
CA ARG A 163 5.52 7.14 7.32
C ARG A 163 5.62 6.13 6.19
N VAL A 164 6.82 5.61 5.99
CA VAL A 164 7.06 4.52 5.06
C VAL A 164 7.98 3.53 5.76
N LYS A 165 7.48 2.32 5.99
CA LYS A 165 8.25 1.27 6.63
C LYS A 165 8.74 1.72 8.00
N GLY A 166 7.85 2.41 8.74
CA GLY A 166 8.04 2.71 10.14
C GLY A 166 8.77 3.98 10.45
N LYS A 167 9.37 4.63 9.46
CA LYS A 167 10.07 5.88 9.65
C LYS A 167 9.43 6.96 8.79
N LEU A 168 9.71 8.21 9.13
CA LEU A 168 9.30 9.33 8.29
C LEU A 168 10.26 9.46 7.11
N GLU A 169 9.71 9.70 5.93
CA GLU A 169 10.53 10.04 4.77
C GLU A 169 9.70 10.96 3.88
N VAL A 170 10.39 11.69 3.01
CA VAL A 170 9.71 12.65 2.16
C VAL A 170 8.74 11.91 1.25
N ILE A 171 7.51 12.38 1.21
CA ILE A 171 6.47 11.82 0.35
C ILE A 171 6.30 12.78 -0.83
N PRO A 172 6.59 12.35 -2.06
CA PRO A 172 6.48 13.28 -3.20
C PRO A 172 5.13 13.95 -3.29
N GLY A 173 4.04 13.23 -3.01
CA GLY A 173 2.73 13.85 -3.09
C GLY A 173 2.54 14.93 -2.05
N LEU A 174 3.17 14.75 -0.88
CA LEU A 174 3.12 15.78 0.16
C LEU A 174 3.96 16.99 -0.22
N THR A 175 5.11 16.77 -0.85
CA THR A 175 5.89 17.88 -1.37
C THR A 175 5.08 18.70 -2.38
N ASN A 176 4.38 18.04 -3.31
CA ASN A 176 3.53 18.79 -4.24
C ASN A 176 2.43 19.54 -3.50
N ARG A 177 1.78 18.88 -2.54
CA ARG A 177 0.64 19.51 -1.87
C ARG A 177 1.07 20.72 -1.05
N ARG A 178 2.19 20.62 -0.31
CA ARG A 178 2.68 21.77 0.44
C ARG A 178 3.04 22.93 -0.47
N LYS A 179 3.62 22.65 -1.65
CA LYS A 179 3.93 23.71 -2.60
C LYS A 179 2.67 24.41 -3.09
N LYS A 180 1.61 23.65 -3.38
CA LYS A 180 0.36 24.27 -3.80
C LYS A 180 -0.27 25.05 -2.65
N GLU A 181 -0.24 24.50 -1.44
CA GLU A 181 -0.77 25.21 -0.28
C GLU A 181 0.04 26.48 -0.01
N LYS A 182 1.37 26.38 -0.02
CA LYS A 182 2.20 27.56 0.20
C LYS A 182 1.92 28.64 -0.83
N ALA A 183 1.72 28.25 -2.08
CA ALA A 183 1.39 29.21 -3.12
C ALA A 183 0.01 29.84 -2.88
N TYR A 184 -0.93 29.04 -2.37
CA TYR A 184 -2.25 29.58 -2.04
C TYR A 184 -2.16 30.60 -0.91
N PHE A 185 -1.47 30.22 0.19
CA PHE A 185 -1.24 31.10 1.33
C PHE A 185 -0.54 32.39 0.93
N GLU A 186 0.17 32.39 -0.20
CA GLU A 186 0.97 33.53 -0.64
C GLU A 186 0.27 34.39 -1.68
N GLN A 187 -0.92 34.01 -2.13
CA GLN A 187 -1.67 34.75 -3.14
C GLN A 187 -1.78 36.24 -2.77
N HIS A 188 -1.95 37.07 -3.81
CA HIS A 188 -2.23 38.50 -3.66
C HIS A 188 -3.56 38.85 -4.33
N MET B 1 31.45 11.04 34.13
CA MET B 1 31.98 12.39 34.08
C MET B 1 32.83 12.64 35.33
N ASP B 2 34.03 13.21 35.16
CA ASP B 2 34.82 13.64 36.30
C ASP B 2 34.83 15.16 36.27
N VAL B 3 33.99 15.77 37.10
CA VAL B 3 33.93 17.23 37.17
C VAL B 3 34.99 17.83 38.09
N LYS B 4 35.85 17.02 38.71
CA LYS B 4 36.81 17.59 39.66
C LYS B 4 37.83 18.54 39.02
N PRO B 5 38.44 18.22 37.86
CA PRO B 5 39.33 19.21 37.23
C PRO B 5 38.63 20.52 36.91
N PHE B 6 37.35 20.47 36.51
CA PHE B 6 36.59 21.68 36.22
C PHE B 6 36.34 22.50 37.48
N PHE B 7 35.92 21.86 38.58
CA PHE B 7 35.78 22.57 39.84
C PHE B 7 37.11 23.10 40.34
N ASP B 8 38.18 22.32 40.21
CA ASP B 8 39.48 22.76 40.70
C ASP B 8 39.99 23.95 39.91
N ALA B 9 39.73 23.97 38.61
CA ALA B 9 40.09 25.11 37.79
C ALA B 9 39.25 26.33 38.14
N ALA B 10 37.98 26.11 38.47
CA ALA B 10 37.12 27.20 38.88
C ALA B 10 37.57 27.75 40.23
N ARG B 11 37.94 26.86 41.15
CA ARG B 11 38.46 27.29 42.45
C ARG B 11 39.66 28.21 42.28
N GLU B 12 40.61 27.79 41.44
CA GLU B 12 41.82 28.58 41.14
C GLU B 12 41.45 29.98 40.69
N LEU B 13 40.58 30.07 39.68
CA LEU B 13 40.10 31.37 39.19
C LEU B 13 39.57 32.24 40.32
N ALA B 14 38.84 31.64 41.27
CA ALA B 14 38.11 32.37 42.29
C ALA B 14 38.91 32.62 43.56
N GLY B 15 40.21 32.34 43.58
CA GLY B 15 40.99 32.58 44.78
C GLY B 15 41.04 31.43 45.76
N GLY B 16 40.80 30.21 45.30
CA GLY B 16 41.05 29.00 46.09
C GLY B 16 39.82 28.29 46.60
N ARG B 17 38.64 28.88 46.47
CA ARG B 17 37.40 28.25 46.91
C ARG B 17 36.25 28.85 46.12
N LEU B 18 35.08 28.23 46.28
CA LEU B 18 33.84 28.66 45.64
C LEU B 18 32.79 28.89 46.73
N THR B 19 32.09 30.01 46.64
CA THR B 19 30.92 30.22 47.49
C THR B 19 29.79 29.27 47.11
N GLN B 20 28.77 29.20 47.96
CA GLN B 20 27.63 28.33 47.65
C GLN B 20 26.95 28.79 46.37
N ALA B 21 26.84 30.11 46.17
CA ALA B 21 26.23 30.61 44.93
C ALA B 21 27.09 30.28 43.71
N GLN B 22 28.42 30.31 43.87
CA GLN B 22 29.27 29.97 42.73
C GLN B 22 29.17 28.48 42.41
N VAL B 23 29.10 27.64 43.43
CA VAL B 23 28.87 26.22 43.16
C VAL B 23 27.58 26.02 42.38
N ASP B 24 26.53 26.77 42.74
CA ASP B 24 25.25 26.59 42.08
C ASP B 24 25.32 27.01 40.61
N GLU B 25 26.07 28.07 40.31
CA GLU B 25 26.12 28.44 38.90
C GLU B 25 27.09 27.56 38.14
N LEU B 26 28.08 26.99 38.81
CA LEU B 26 28.97 26.06 38.15
C LEU B 26 28.25 24.76 37.82
N ASN B 27 27.36 24.31 38.71
CA ASN B 27 26.57 23.10 38.47
C ASN B 27 25.64 23.29 37.26
N LYS B 28 25.13 24.51 37.07
CA LYS B 28 24.29 24.75 35.89
C LYS B 28 25.11 24.66 34.62
N VAL B 29 26.36 25.14 34.65
CA VAL B 29 27.23 24.99 33.49
C VAL B 29 27.55 23.53 33.24
N VAL B 30 27.84 22.76 34.30
CA VAL B 30 28.07 21.32 34.15
C VAL B 30 26.91 20.66 33.42
N ASN B 31 25.67 21.01 33.81
CA ASN B 31 24.51 20.43 33.13
C ASN B 31 24.55 20.71 31.64
N ARG B 32 24.95 21.93 31.26
CA ARG B 32 25.05 22.29 29.84
C ARG B 32 26.21 21.61 29.14
N LEU B 33 27.26 21.26 29.88
CA LEU B 33 28.48 20.69 29.31
C LEU B 33 28.37 19.18 29.12
N VAL B 34 27.71 18.48 30.03
CA VAL B 34 27.73 17.02 29.92
C VAL B 34 26.57 16.60 29.02
N PRO B 35 26.85 15.84 27.96
CA PRO B 35 25.78 15.35 27.11
C PRO B 35 24.92 14.35 27.86
N ASP B 36 23.61 14.35 27.59
CA ASP B 36 22.74 13.33 28.16
C ASP B 36 23.19 11.93 27.74
N ASP B 37 23.58 11.79 26.46
CA ASP B 37 24.46 10.71 25.99
C ASP B 37 23.89 9.30 25.97
N VAL B 38 22.73 9.07 26.60
CA VAL B 38 22.12 7.74 26.55
C VAL B 38 22.04 7.27 25.10
N ASP B 39 22.27 5.99 24.89
CA ASP B 39 22.02 5.36 23.59
C ASP B 39 20.86 4.40 23.71
N ILE B 40 20.21 4.12 22.58
CA ILE B 40 19.20 3.08 22.59
C ILE B 40 19.89 1.77 22.93
N SER B 41 19.21 0.92 23.69
CA SER B 41 19.80 -0.36 24.06
C SER B 41 19.53 -1.41 22.96
N ASP B 42 20.25 -2.53 23.05
CA ASP B 42 20.00 -3.61 22.11
C ASP B 42 18.57 -4.10 22.23
N LEU B 43 18.02 -4.12 23.45
CA LEU B 43 16.63 -4.49 23.60
C LEU B 43 15.71 -3.42 23.04
N GLY B 44 16.16 -2.16 23.05
CA GLY B 44 15.33 -1.11 22.45
C GLY B 44 15.28 -1.24 20.94
N VAL B 45 16.41 -1.63 20.34
CA VAL B 45 16.44 -1.90 18.90
C VAL B 45 15.52 -3.06 18.55
N ASP B 46 15.51 -4.11 19.39
CA ASP B 46 14.58 -5.21 19.18
C ASP B 46 13.13 -4.74 19.23
N LEU B 47 12.80 -3.85 20.17
CA LEU B 47 11.48 -3.23 20.22
C LEU B 47 11.10 -2.58 18.88
N ILE B 48 12.02 -1.81 18.31
CA ILE B 48 11.69 -1.10 17.06
C ILE B 48 11.73 -2.03 15.86
N ARG B 49 12.69 -2.98 15.83
CA ARG B 49 12.79 -3.99 14.78
C ARG B 49 11.49 -4.74 14.55
N GLN B 50 10.81 -5.09 15.65
CA GLN B 50 9.72 -6.06 15.60
C GLN B 50 8.57 -5.59 14.75
N PHE B 51 8.46 -4.28 14.50
CA PHE B 51 7.35 -3.73 13.73
C PHE B 51 7.54 -3.83 12.23
N GLU B 52 8.71 -4.28 11.79
CA GLU B 52 9.04 -4.35 10.37
C GLU B 52 9.58 -5.72 10.01
N GLY B 53 9.28 -6.17 8.80
CA GLY B 53 9.90 -7.38 8.30
C GLY B 53 11.33 -7.11 7.88
N LEU B 54 12.19 -8.11 8.11
CA LEU B 54 13.55 -8.06 7.57
C LEU B 54 13.53 -8.34 6.07
N ARG B 55 14.12 -7.42 5.28
CA ARG B 55 14.24 -7.60 3.84
C ARG B 55 15.73 -7.65 3.51
N THR B 56 16.19 -8.81 3.00
CA THR B 56 17.60 -9.02 2.72
C THR B 56 17.99 -8.58 1.31
N ARG B 57 17.03 -8.29 0.43
CA ARG B 57 17.29 -7.80 -0.92
C ARG B 57 16.66 -6.43 -1.07
N ALA B 58 17.38 -5.49 -1.68
CA ALA B 58 16.86 -4.14 -1.83
C ALA B 58 15.60 -4.14 -2.70
N TYR B 59 14.63 -3.32 -2.31
CA TYR B 59 13.35 -3.26 -3.01
C TYR B 59 12.89 -1.81 -3.00
N GLN B 60 11.98 -1.49 -3.91
CA GLN B 60 11.44 -0.13 -3.96
C GLN B 60 10.22 -0.02 -3.05
N ASP B 61 10.24 1.00 -2.19
CA ASP B 61 9.13 1.24 -1.28
C ASP B 61 7.96 1.88 -2.04
N SER B 62 6.92 2.27 -1.32
CA SER B 62 5.68 2.78 -1.90
C SER B 62 5.83 4.14 -2.58
N VAL B 63 6.98 4.79 -2.44
CA VAL B 63 7.23 6.02 -3.19
C VAL B 63 8.42 5.90 -4.11
N GLY B 64 8.88 4.68 -4.37
CA GLY B 64 9.97 4.44 -5.30
C GLY B 64 11.37 4.48 -4.72
N ILE B 65 11.54 4.55 -3.42
CA ILE B 65 12.86 4.71 -2.85
C ILE B 65 13.42 3.32 -2.55
N TRP B 66 14.63 3.05 -3.03
CA TRP B 66 15.25 1.74 -2.77
C TRP B 66 15.51 1.61 -1.27
N THR B 67 15.19 0.43 -0.73
CA THR B 67 15.09 0.20 0.71
C THR B 67 15.60 -1.21 1.00
N ILE B 68 16.15 -1.42 2.20
CA ILE B 68 16.71 -2.71 2.56
C ILE B 68 16.70 -2.83 4.07
N GLY B 69 16.76 -4.07 4.55
CA GLY B 69 16.91 -4.30 6.00
C GLY B 69 15.60 -4.08 6.68
N TYR B 70 15.60 -3.23 7.72
CA TYR B 70 14.39 -2.80 8.41
C TYR B 70 14.10 -1.35 8.05
N GLY B 71 13.77 -1.11 6.79
CA GLY B 71 13.38 0.23 6.37
C GLY B 71 14.52 1.17 6.09
N THR B 72 15.75 0.66 5.94
CA THR B 72 16.92 1.51 5.72
C THR B 72 16.95 1.98 4.28
N ILE B 73 17.15 3.28 4.07
CA ILE B 73 17.31 3.82 2.72
C ILE B 73 18.68 4.44 2.50
N ARG B 74 19.48 4.59 3.55
CA ARG B 74 20.82 5.14 3.39
C ARG B 74 21.71 4.43 4.41
N TYR B 75 22.88 3.95 3.96
CA TYR B 75 23.76 3.21 4.82
C TYR B 75 24.47 4.15 5.79
N PRO B 76 25.12 3.61 6.84
CA PRO B 76 25.83 4.47 7.79
C PRO B 76 26.86 5.37 7.14
N ASN B 77 27.53 4.88 6.10
CA ASN B 77 28.51 5.70 5.39
C ASN B 77 27.88 6.79 4.53
N GLY B 78 26.55 6.88 4.46
CA GLY B 78 25.88 7.94 3.73
C GLY B 78 25.46 7.57 2.33
N VAL B 79 25.81 6.38 1.87
CA VAL B 79 25.50 5.94 0.52
C VAL B 79 24.07 5.42 0.45
N ALA B 80 23.32 5.88 -0.56
CA ALA B 80 21.95 5.43 -0.73
C ALA B 80 21.89 3.94 -1.06
N VAL B 81 20.84 3.28 -0.57
CA VAL B 81 20.54 1.92 -1.00
C VAL B 81 20.22 1.94 -2.48
N LYS B 82 20.71 0.94 -3.21
CA LYS B 82 20.48 0.85 -4.64
C LYS B 82 20.02 -0.56 -5.00
N ALA B 83 19.46 -0.69 -6.21
CA ALA B 83 19.03 -1.98 -6.74
C ALA B 83 20.19 -2.95 -6.80
N GLY B 84 19.92 -4.21 -6.46
CA GLY B 84 20.93 -5.26 -6.39
C GLY B 84 21.58 -5.43 -5.03
N ASP B 85 21.40 -4.48 -4.11
CA ASP B 85 21.99 -4.56 -2.78
C ASP B 85 21.40 -5.73 -1.99
N VAL B 86 22.24 -6.35 -1.15
CA VAL B 86 21.82 -7.42 -0.25
C VAL B 86 22.48 -7.23 1.10
N CYS B 87 21.84 -7.77 2.13
CA CYS B 87 22.30 -7.58 3.49
C CYS B 87 21.90 -8.77 4.33
N THR B 88 22.66 -8.98 5.42
CA THR B 88 22.36 -9.97 6.43
C THR B 88 21.52 -9.35 7.54
N GLU B 89 20.94 -10.21 8.37
CA GLU B 89 20.20 -9.69 9.51
C GLU B 89 21.09 -8.85 10.40
N GLU B 90 22.36 -9.25 10.57
CA GLU B 90 23.24 -8.50 11.45
C GLU B 90 23.56 -7.14 10.86
N GLN B 91 23.79 -7.07 9.55
CA GLN B 91 24.00 -5.78 8.89
C GLN B 91 22.76 -4.90 8.99
N ALA B 92 21.57 -5.49 8.83
CA ALA B 92 20.34 -4.71 8.89
C ALA B 92 20.11 -4.15 10.29
N LYS B 93 20.50 -4.90 11.32
CA LYS B 93 20.44 -4.35 12.68
C LYS B 93 21.38 -3.15 12.80
N SER B 94 22.58 -3.28 12.24
CA SER B 94 23.55 -2.19 12.27
C SER B 94 23.00 -0.95 11.58
N TYR B 95 22.39 -1.12 10.41
CA TYR B 95 21.90 0.03 9.68
C TYR B 95 20.78 0.71 10.44
N MET B 96 19.89 -0.08 11.05
CA MET B 96 18.86 0.46 11.93
C MET B 96 19.45 1.25 13.09
N LYS B 97 20.48 0.73 13.73
CA LYS B 97 21.05 1.45 14.86
C LYS B 97 21.64 2.78 14.42
N HIS B 98 22.25 2.82 13.23
CA HIS B 98 22.70 4.12 12.73
C HIS B 98 21.52 5.02 12.36
N ASP B 99 20.46 4.46 11.74
CA ASP B 99 19.28 5.26 11.40
C ASP B 99 18.66 5.90 12.64
N LEU B 100 18.75 5.23 13.80
CA LEU B 100 18.15 5.75 15.02
C LEU B 100 18.95 6.88 15.65
N GLN B 101 20.20 7.12 15.21
CA GLN B 101 21.07 7.99 15.97
C GLN B 101 20.57 9.43 15.99
N LYS B 102 19.93 9.88 14.91
CA LYS B 102 19.30 11.21 14.88
C LYS B 102 18.26 11.35 15.99
N PHE B 103 17.47 10.30 16.21
CA PHE B 103 16.37 10.35 17.16
C PHE B 103 16.84 10.08 18.59
N VAL B 104 17.88 9.26 18.76
CA VAL B 104 18.56 9.17 20.05
C VAL B 104 19.02 10.55 20.50
N LYS B 105 19.71 11.27 19.61
CA LYS B 105 20.12 12.65 19.89
C LYS B 105 18.94 13.53 20.29
N ALA B 106 17.82 13.41 19.58
CA ALA B 106 16.71 14.31 19.81
C ALA B 106 16.07 14.07 21.16
N VAL B 107 15.84 12.80 21.51
CA VAL B 107 15.32 12.47 22.83
C VAL B 107 16.27 12.96 23.92
N ASN B 108 17.59 12.79 23.72
CA ASN B 108 18.53 13.27 24.73
C ASN B 108 18.44 14.78 24.89
N LYS B 109 18.34 15.51 23.78
CA LYS B 109 18.31 16.98 23.82
C LYS B 109 16.99 17.50 24.38
N LEU B 110 15.89 16.86 24.03
CA LEU B 110 14.58 17.41 24.34
C LEU B 110 14.10 17.04 25.75
N VAL B 111 14.48 15.86 26.26
CA VAL B 111 14.06 15.47 27.60
C VAL B 111 15.10 15.99 28.59
N THR B 112 14.63 16.69 29.62
CA THR B 112 15.49 17.36 30.60
C THR B 112 15.33 16.79 32.00
N VAL B 113 14.78 15.59 32.12
CA VAL B 113 14.61 14.92 33.40
C VAL B 113 15.31 13.56 33.27
N PRO B 114 15.68 12.94 34.39
CA PRO B 114 16.31 11.62 34.30
C PRO B 114 15.37 10.59 33.71
N LEU B 115 15.96 9.60 33.04
CA LEU B 115 15.21 8.55 32.36
C LEU B 115 15.88 7.22 32.61
N LYS B 116 15.08 6.23 33.03
CA LYS B 116 15.50 4.84 32.94
C LYS B 116 15.82 4.46 31.51
N GLN B 117 16.70 3.47 31.35
CA GLN B 117 17.02 2.99 30.01
C GLN B 117 15.77 2.53 29.26
N THR B 118 14.84 1.86 29.95
CA THR B 118 13.64 1.37 29.28
C THR B 118 12.71 2.51 28.90
N GLN B 119 12.65 3.55 29.72
CA GLN B 119 11.90 4.76 29.39
C GLN B 119 12.48 5.42 28.14
N PHE B 120 13.80 5.59 28.12
CA PHE B 120 14.48 6.16 26.95
C PHE B 120 14.25 5.32 25.70
N ASP B 121 14.44 3.98 25.77
CA ASP B 121 14.20 3.16 24.58
C ASP B 121 12.81 3.35 23.99
N ALA B 122 11.78 3.36 24.84
CA ALA B 122 10.42 3.49 24.33
C ALA B 122 10.17 4.85 23.70
N LEU B 123 10.80 5.89 24.24
CA LEU B 123 10.69 7.23 23.66
C LEU B 123 11.34 7.30 22.29
N VAL B 124 12.49 6.64 22.12
CA VAL B 124 13.15 6.61 20.81
C VAL B 124 12.28 5.86 19.79
N SER B 125 11.65 4.76 20.21
CA SER B 125 10.72 4.07 19.30
C SER B 125 9.58 5.00 18.85
N LEU B 126 9.01 5.76 19.77
CA LEU B 126 7.94 6.70 19.39
C LEU B 126 8.46 7.77 18.43
N VAL B 127 9.56 8.43 18.80
CA VAL B 127 10.06 9.57 18.03
C VAL B 127 10.53 9.15 16.63
N TYR B 128 11.10 7.95 16.50
CA TYR B 128 11.41 7.40 15.20
C TYR B 128 10.17 7.30 14.32
N ASN B 129 9.04 6.96 14.91
CA ASN B 129 7.80 6.82 14.16
C ASN B 129 7.10 8.16 13.91
N ILE B 130 7.13 9.08 14.87
CA ILE B 130 6.39 10.33 14.72
C ILE B 130 7.27 11.52 14.33
N GLY B 131 8.59 11.39 14.45
CA GLY B 131 9.49 12.46 14.06
C GLY B 131 9.78 13.44 15.20
N GLU B 132 10.92 14.12 15.04
CA GLU B 132 11.41 15.02 16.08
C GLU B 132 10.45 16.18 16.34
N GLY B 133 9.84 16.73 15.29
CA GLY B 133 9.01 17.90 15.44
C GLY B 133 7.76 17.62 16.25
N ALA B 134 7.04 16.56 15.90
CA ALA B 134 5.84 16.17 16.65
C ALA B 134 6.16 15.89 18.12
N PHE B 135 7.28 15.20 18.39
CA PHE B 135 7.63 14.93 19.77
C PHE B 135 7.97 16.21 20.51
N ALA B 136 8.73 17.11 19.87
CA ALA B 136 9.12 18.37 20.49
C ALA B 136 7.91 19.20 20.92
N GLY B 137 6.84 19.19 20.14
CA GLY B 137 5.66 19.96 20.46
C GLY B 137 4.60 19.20 21.22
N SER B 138 4.90 17.99 21.69
CA SER B 138 3.88 17.13 22.28
C SER B 138 3.58 17.50 23.73
N THR B 139 2.36 17.16 24.18
CA THR B 139 2.02 17.15 25.60
C THR B 139 2.79 16.09 26.38
N LEU B 140 3.07 14.95 25.73
CA LEU B 140 3.91 13.93 26.35
C LEU B 140 5.19 14.55 26.90
N LEU B 141 5.90 15.29 26.06
CA LEU B 141 7.18 15.87 26.47
C LEU B 141 6.99 16.91 27.58
N LYS B 142 5.92 17.71 27.52
CA LYS B 142 5.72 18.71 28.57
C LYS B 142 5.36 18.05 29.91
N LYS B 143 4.54 16.99 29.87
CA LYS B 143 4.31 16.27 31.11
C LYS B 143 5.58 15.58 31.58
N LEU B 144 6.35 15.02 30.64
CA LEU B 144 7.58 14.32 31.01
C LEU B 144 8.58 15.25 31.68
N ASN B 145 8.83 16.42 31.08
CA ASN B 145 9.81 17.31 31.67
C ASN B 145 9.33 17.94 32.97
N SER B 146 8.05 17.77 33.32
CA SER B 146 7.49 18.15 34.61
C SER B 146 7.59 17.05 35.66
N LYS B 147 8.29 15.96 35.37
CA LYS B 147 8.43 14.79 36.24
C LYS B 147 7.14 14.02 36.43
N ASP B 148 6.15 14.25 35.55
CA ASP B 148 4.92 13.44 35.52
C ASP B 148 5.14 12.27 34.58
N TYR B 149 5.83 11.24 35.09
CA TYR B 149 6.14 10.08 34.26
C TYR B 149 4.88 9.30 33.89
N ALA B 150 3.99 9.08 34.86
CA ALA B 150 2.79 8.31 34.57
C ALA B 150 1.91 9.02 33.56
N GLY B 151 1.82 10.35 33.64
CA GLY B 151 1.06 11.09 32.64
C GLY B 151 1.69 11.02 31.26
N ALA B 152 3.02 11.11 31.19
CA ALA B 152 3.70 10.94 29.92
C ALA B 152 3.44 9.55 29.34
N ALA B 153 3.50 8.52 30.19
CA ALA B 153 3.18 7.16 29.74
C ALA B 153 1.81 7.11 29.08
N ALA B 154 0.80 7.67 29.73
CA ALA B 154 -0.54 7.71 29.14
C ALA B 154 -0.56 8.43 27.80
N GLN B 155 0.29 9.45 27.63
CA GLN B 155 0.29 10.18 26.38
C GLN B 155 0.80 9.36 25.20
N PHE B 156 1.43 8.20 25.42
CA PHE B 156 1.77 7.37 24.27
C PHE B 156 0.52 7.01 23.48
N LEU B 157 -0.61 6.81 24.16
CA LEU B 157 -1.77 6.21 23.54
C LEU B 157 -2.48 7.18 22.59
N VAL B 158 -2.24 8.49 22.71
CA VAL B 158 -2.87 9.45 21.80
C VAL B 158 -2.17 9.55 20.46
N TRP B 159 -1.06 8.86 20.26
CA TRP B 159 -0.31 8.94 19.01
C TRP B 159 -0.61 7.75 18.09
N ASN B 160 -1.87 7.34 18.01
CA ASN B 160 -2.28 6.19 17.22
C ASN B 160 -2.98 6.57 15.92
N LYS B 161 -2.83 7.80 15.47
CA LYS B 161 -3.52 8.28 14.28
C LYS B 161 -2.55 8.42 13.13
N GLY B 162 -3.05 8.20 11.92
CA GLY B 162 -2.27 8.43 10.72
C GLY B 162 -3.20 8.78 9.59
N ARG B 163 -2.62 9.21 8.49
CA ARG B 163 -3.43 9.72 7.38
C ARG B 163 -4.14 8.58 6.64
N VAL B 164 -5.45 8.74 6.45
CA VAL B 164 -6.26 7.84 5.63
C VAL B 164 -7.12 8.72 4.72
N LYS B 165 -6.90 8.63 3.42
CA LYS B 165 -7.61 9.47 2.46
C LYS B 165 -7.45 10.95 2.82
N GLY B 166 -6.23 11.34 3.17
CA GLY B 166 -5.88 12.74 3.34
C GLY B 166 -6.17 13.35 4.70
N LYS B 167 -6.80 12.62 5.63
CA LYS B 167 -7.10 13.13 6.97
C LYS B 167 -6.58 12.13 8.00
N LEU B 168 -6.49 12.57 9.25
CA LEU B 168 -6.05 11.69 10.32
C LEU B 168 -7.21 10.81 10.81
N GLU B 169 -6.90 9.53 11.03
CA GLU B 169 -7.82 8.52 11.54
C GLU B 169 -7.04 7.56 12.41
N VAL B 170 -7.72 6.92 13.36
CA VAL B 170 -7.07 5.91 14.19
C VAL B 170 -6.72 4.71 13.32
N ILE B 171 -5.48 4.23 13.45
CA ILE B 171 -5.02 3.06 12.71
C ILE B 171 -4.69 1.96 13.72
N PRO B 172 -5.41 0.83 13.68
CA PRO B 172 -5.20 -0.21 14.71
C PRO B 172 -3.75 -0.63 14.83
N GLY B 173 -3.00 -0.66 13.73
CA GLY B 173 -1.58 -1.01 13.82
C GLY B 173 -0.80 -0.04 14.70
N LEU B 174 -1.16 1.25 14.61
CA LEU B 174 -0.50 2.22 15.47
C LEU B 174 -1.00 2.11 16.91
N THR B 175 -2.29 1.80 17.09
CA THR B 175 -2.80 1.58 18.44
C THR B 175 -2.03 0.47 19.13
N ASN B 176 -1.80 -0.64 18.42
CA ASN B 176 -1.08 -1.77 19.01
C ASN B 176 0.37 -1.40 19.26
N ARG B 177 0.99 -0.65 18.35
CA ARG B 177 2.36 -0.23 18.57
C ARG B 177 2.48 0.71 19.77
N ARG B 178 1.56 1.68 19.91
CA ARG B 178 1.64 2.57 21.06
C ARG B 178 1.42 1.84 22.37
N LYS B 179 0.55 0.82 22.36
CA LYS B 179 0.35 0.01 23.55
C LYS B 179 1.64 -0.70 23.96
N LYS B 180 2.37 -1.25 22.98
CA LYS B 180 3.60 -1.98 23.31
C LYS B 180 4.69 -1.04 23.81
N GLU B 181 4.79 0.15 23.18
CA GLU B 181 5.77 1.13 23.63
C GLU B 181 5.44 1.63 25.03
N LYS B 182 4.16 1.87 25.31
CA LYS B 182 3.78 2.29 26.65
C LYS B 182 4.13 1.21 27.68
N ALA B 183 3.79 -0.04 27.37
CA ALA B 183 4.16 -1.14 28.26
C ALA B 183 5.66 -1.19 28.49
N TYR B 184 6.44 -0.96 27.44
CA TYR B 184 7.90 -0.95 27.57
C TYR B 184 8.37 0.21 28.44
N PHE B 185 7.80 1.40 28.21
CA PHE B 185 8.13 2.59 28.99
C PHE B 185 7.88 2.36 30.49
N GLU B 186 6.82 1.63 30.83
CA GLU B 186 6.41 1.45 32.23
C GLU B 186 7.07 0.26 32.91
N GLN B 187 8.04 -0.39 32.28
CA GLN B 187 8.73 -1.52 32.89
C GLN B 187 9.44 -1.10 34.18
N HIS B 188 9.60 -2.06 35.09
CA HIS B 188 10.49 -1.89 36.24
C HIS B 188 11.02 -3.23 36.73
N HIS B 189 11.24 -3.36 38.05
CA HIS B 189 11.79 -4.60 38.65
C HIS B 189 13.14 -5.00 38.08
N MET C 1 22.02 -43.63 -10.04
CA MET C 1 20.87 -44.53 -10.06
C MET C 1 21.18 -45.85 -10.75
N ASP C 2 22.06 -45.80 -11.75
CA ASP C 2 22.09 -46.68 -12.92
C ASP C 2 21.60 -48.07 -12.50
N VAL C 3 20.55 -48.54 -13.20
CA VAL C 3 19.83 -49.76 -12.91
C VAL C 3 20.65 -51.01 -13.19
N LYS C 4 21.95 -50.85 -13.45
CA LYS C 4 22.82 -52.00 -13.73
C LYS C 4 22.65 -53.14 -12.75
N PRO C 5 22.68 -52.94 -11.43
CA PRO C 5 22.53 -54.12 -10.54
C PRO C 5 21.21 -54.84 -10.73
N PHE C 6 20.15 -54.09 -11.05
CA PHE C 6 18.84 -54.67 -11.34
C PHE C 6 18.90 -55.54 -12.58
N PHE C 7 19.51 -55.04 -13.65
CA PHE C 7 19.63 -55.83 -14.86
C PHE C 7 20.61 -56.98 -14.67
N ASP C 8 21.66 -56.78 -13.88
CA ASP C 8 22.59 -57.88 -13.62
C ASP C 8 21.89 -59.03 -12.94
N ALA C 9 21.10 -58.72 -11.91
CA ALA C 9 20.37 -59.76 -11.20
C ALA C 9 19.35 -60.45 -12.09
N ALA C 10 18.62 -59.67 -12.90
CA ALA C 10 17.66 -60.26 -13.84
C ALA C 10 18.35 -61.18 -14.84
N ARG C 11 19.49 -60.72 -15.38
CA ARG C 11 20.26 -61.51 -16.32
C ARG C 11 20.64 -62.87 -15.74
N GLU C 12 21.03 -62.92 -14.46
CA GLU C 12 21.46 -64.19 -13.91
C GLU C 12 20.25 -65.12 -13.74
N LEU C 13 19.10 -64.57 -13.34
CA LEU C 13 17.88 -65.39 -13.27
C LEU C 13 17.50 -65.94 -14.64
N ALA C 14 17.74 -65.18 -15.69
CA ALA C 14 17.36 -65.57 -17.04
C ALA C 14 18.46 -66.33 -17.76
N GLY C 15 19.43 -66.87 -17.04
CA GLY C 15 20.39 -67.78 -17.63
C GLY C 15 21.55 -67.14 -18.35
N GLY C 16 21.79 -65.85 -18.18
CA GLY C 16 22.97 -65.20 -18.73
C GLY C 16 22.68 -64.06 -19.69
N ARG C 17 21.46 -63.97 -20.21
CA ARG C 17 21.10 -62.96 -21.19
C ARG C 17 19.62 -62.64 -21.02
N LEU C 18 19.23 -61.44 -21.46
CA LEU C 18 17.84 -61.02 -21.51
C LEU C 18 17.38 -60.89 -22.96
N THR C 19 16.21 -61.46 -23.27
CA THR C 19 15.55 -61.23 -24.55
C THR C 19 15.02 -59.78 -24.63
N GLN C 20 14.61 -59.35 -25.84
CA GLN C 20 14.07 -58.00 -25.99
C GLN C 20 12.82 -57.81 -25.13
N ALA C 21 11.95 -58.83 -25.06
CA ALA C 21 10.73 -58.72 -24.27
C ALA C 21 11.04 -58.65 -22.79
N GLN C 22 12.04 -59.42 -22.35
CA GLN C 22 12.44 -59.36 -20.96
C GLN C 22 12.98 -57.97 -20.62
N VAL C 23 13.78 -57.40 -21.52
CA VAL C 23 14.25 -56.03 -21.29
C VAL C 23 13.06 -55.07 -21.20
N ASP C 24 12.07 -55.22 -22.08
CA ASP C 24 10.92 -54.33 -22.02
C ASP C 24 10.15 -54.50 -20.73
N GLU C 25 10.02 -55.75 -20.26
CA GLU C 25 9.33 -55.98 -18.99
C GLU C 25 10.09 -55.34 -17.84
N LEU C 26 11.42 -55.45 -17.84
CA LEU C 26 12.18 -54.85 -16.75
C LEU C 26 12.04 -53.34 -16.77
N ASN C 27 11.92 -52.75 -17.96
CA ASN C 27 11.78 -51.31 -18.07
C ASN C 27 10.42 -50.83 -17.57
N LYS C 28 9.37 -51.60 -17.82
CA LYS C 28 8.09 -51.27 -17.23
C LYS C 28 8.16 -51.24 -15.69
N VAL C 29 8.82 -52.24 -15.08
CA VAL C 29 8.84 -52.24 -13.62
C VAL C 29 9.76 -51.13 -13.08
N VAL C 30 10.85 -50.80 -13.80
CA VAL C 30 11.68 -49.67 -13.42
C VAL C 30 10.85 -48.40 -13.33
N ASN C 31 10.03 -48.14 -14.36
CA ASN C 31 9.09 -47.01 -14.37
C ASN C 31 8.26 -47.00 -13.09
N ARG C 32 7.80 -48.17 -12.66
CA ARG C 32 6.95 -48.28 -11.49
C ARG C 32 7.72 -48.31 -10.18
N LEU C 33 9.04 -48.53 -10.20
CA LEU C 33 9.83 -48.51 -8.98
C LEU C 33 10.35 -47.11 -8.66
N VAL C 34 10.92 -46.41 -9.63
CA VAL C 34 11.60 -45.14 -9.41
C VAL C 34 10.61 -44.13 -8.91
N PRO C 35 10.86 -43.49 -7.76
CA PRO C 35 9.94 -42.47 -7.26
C PRO C 35 9.81 -41.32 -8.25
N ASP C 36 8.58 -40.82 -8.40
CA ASP C 36 8.21 -39.94 -9.50
C ASP C 36 7.82 -38.55 -9.05
N ASP C 37 7.32 -38.38 -7.83
CA ASP C 37 7.00 -37.06 -7.33
C ASP C 37 8.19 -36.49 -6.56
N VAL C 38 8.27 -35.16 -6.50
CA VAL C 38 9.40 -34.46 -5.92
C VAL C 38 8.92 -33.26 -5.12
N ASP C 39 9.79 -32.78 -4.24
CA ASP C 39 9.57 -31.62 -3.39
C ASP C 39 10.39 -30.44 -3.89
N ILE C 40 10.00 -29.23 -3.47
CA ILE C 40 10.84 -28.06 -3.68
C ILE C 40 12.11 -28.21 -2.85
N SER C 41 13.24 -27.79 -3.41
CA SER C 41 14.49 -27.92 -2.68
C SER C 41 14.69 -26.72 -1.75
N ASP C 42 15.68 -26.85 -0.86
CA ASP C 42 16.03 -25.72 -0.02
C ASP C 42 16.53 -24.54 -0.87
N LEU C 43 17.21 -24.82 -1.98
CA LEU C 43 17.60 -23.74 -2.87
C LEU C 43 16.36 -23.10 -3.51
N GLY C 44 15.31 -23.89 -3.75
CA GLY C 44 14.04 -23.33 -4.19
C GLY C 44 13.37 -22.48 -3.12
N VAL C 45 13.45 -22.90 -1.85
CA VAL C 45 12.87 -22.08 -0.80
C VAL C 45 13.60 -20.75 -0.70
N ASP C 46 14.93 -20.77 -0.90
CA ASP C 46 15.72 -19.55 -0.90
C ASP C 46 15.32 -18.61 -2.04
N LEU C 47 15.04 -19.19 -3.22
CA LEU C 47 14.60 -18.41 -4.37
C LEU C 47 13.34 -17.60 -4.06
N ILE C 48 12.43 -18.20 -3.28
CA ILE C 48 11.16 -17.57 -2.94
C ILE C 48 11.33 -16.60 -1.77
N ARG C 49 11.99 -17.08 -0.71
CA ARG C 49 12.25 -16.35 0.52
C ARG C 49 12.88 -14.99 0.29
N GLN C 50 13.82 -14.91 -0.65
CA GLN C 50 14.57 -13.74 -1.09
C GLN C 50 13.75 -12.46 -1.06
N PHE C 51 12.54 -12.57 -1.56
CA PHE C 51 11.66 -11.46 -1.86
C PHE C 51 10.65 -11.18 -0.77
N GLU C 52 10.71 -11.93 0.33
CA GLU C 52 9.73 -11.89 1.40
C GLU C 52 10.37 -11.23 2.63
N GLY C 53 9.55 -10.46 3.36
CA GLY C 53 10.00 -9.99 4.68
C GLY C 53 9.86 -11.07 5.74
N LEU C 54 10.85 -11.15 6.63
CA LEU C 54 10.84 -12.10 7.73
C LEU C 54 10.35 -11.40 9.00
N ARG C 55 9.34 -11.98 9.64
CA ARG C 55 8.83 -11.49 10.92
C ARG C 55 9.02 -12.59 11.94
N THR C 56 9.74 -12.30 13.03
CA THR C 56 9.93 -13.30 14.08
C THR C 56 8.90 -13.18 15.20
N ARG C 57 8.01 -12.19 15.14
CA ARG C 57 6.96 -12.01 16.14
C ARG C 57 5.63 -11.96 15.40
N ALA C 58 4.60 -12.60 15.95
CA ALA C 58 3.33 -12.68 15.24
C ALA C 58 2.66 -11.32 15.15
N TYR C 59 1.96 -11.10 14.04
CA TYR C 59 1.32 -9.81 13.79
C TYR C 59 0.06 -10.02 12.97
N GLN C 60 -0.80 -9.02 12.99
CA GLN C 60 -2.07 -9.08 12.27
C GLN C 60 -1.88 -8.49 10.88
N ASP C 61 -2.25 -9.25 9.85
CA ASP C 61 -2.17 -8.71 8.50
C ASP C 61 -3.39 -7.82 8.27
N SER C 62 -3.56 -7.34 7.03
CA SER C 62 -4.55 -6.29 6.76
C SER C 62 -5.98 -6.76 7.01
N VAL C 63 -6.28 -8.04 6.87
CA VAL C 63 -7.63 -8.53 7.13
C VAL C 63 -7.76 -9.14 8.53
N GLY C 64 -6.81 -8.84 9.43
CA GLY C 64 -6.90 -9.23 10.82
C GLY C 64 -6.30 -10.57 11.18
N ILE C 65 -5.74 -11.30 10.21
CA ILE C 65 -5.32 -12.69 10.42
C ILE C 65 -3.91 -12.70 10.98
N TRP C 66 -3.71 -13.39 12.11
CA TRP C 66 -2.38 -13.45 12.73
C TRP C 66 -1.41 -14.22 11.83
N THR C 67 -0.23 -13.63 11.64
CA THR C 67 0.76 -14.10 10.68
C THR C 67 2.13 -14.11 11.36
N ILE C 68 3.03 -14.98 10.90
CA ILE C 68 4.40 -15.01 11.42
C ILE C 68 5.35 -15.52 10.34
N GLY C 69 6.64 -15.24 10.51
CA GLY C 69 7.64 -15.76 9.61
C GLY C 69 7.58 -15.10 8.25
N TYR C 70 7.44 -15.91 7.21
CA TYR C 70 7.30 -15.39 5.86
C TYR C 70 5.86 -15.58 5.39
N GLY C 71 4.91 -14.98 6.08
CA GLY C 71 3.52 -15.07 5.66
C GLY C 71 2.80 -16.31 6.13
N THR C 72 3.35 -17.03 7.11
CA THR C 72 2.68 -18.22 7.63
C THR C 72 1.49 -17.83 8.50
N ILE C 73 0.40 -18.57 8.34
CA ILE C 73 -0.86 -18.35 9.02
C ILE C 73 -1.23 -19.55 9.87
N ARG C 74 -0.74 -20.73 9.48
CA ARG C 74 -1.02 -21.97 10.17
C ARG C 74 0.27 -22.77 10.23
N TYR C 75 0.55 -23.34 11.39
CA TYR C 75 1.76 -24.13 11.56
C TYR C 75 1.62 -25.49 10.90
N PRO C 76 2.74 -26.22 10.73
CA PRO C 76 2.64 -27.57 10.15
C PRO C 76 1.72 -28.50 10.91
N ASN C 77 1.64 -28.38 12.23
CA ASN C 77 0.75 -29.21 13.02
C ASN C 77 -0.71 -28.75 12.92
N GLY C 78 -0.99 -27.75 12.10
CA GLY C 78 -2.35 -27.31 11.87
C GLY C 78 -2.85 -26.26 12.83
N VAL C 79 -2.04 -25.80 13.78
CA VAL C 79 -2.48 -24.82 14.76
C VAL C 79 -2.28 -23.42 14.19
N ALA C 80 -3.31 -22.59 14.32
CA ALA C 80 -3.25 -21.22 13.82
C ALA C 80 -2.24 -20.38 14.61
N VAL C 81 -1.49 -19.57 13.87
CA VAL C 81 -0.65 -18.54 14.48
C VAL C 81 -1.50 -17.66 15.38
N LYS C 82 -0.98 -17.32 16.55
CA LYS C 82 -1.72 -16.49 17.51
C LYS C 82 -0.82 -15.38 18.03
N ALA C 83 -1.45 -14.36 18.61
CA ALA C 83 -0.72 -13.28 19.27
C ALA C 83 0.29 -13.85 20.28
N GLY C 84 1.47 -13.24 20.30
CA GLY C 84 2.51 -13.65 21.20
C GLY C 84 3.43 -14.72 20.67
N ASP C 85 3.10 -15.33 19.53
CA ASP C 85 3.95 -16.38 18.99
C ASP C 85 5.29 -15.80 18.54
N VAL C 86 6.32 -16.62 18.60
CA VAL C 86 7.66 -16.22 18.21
C VAL C 86 8.27 -17.34 17.38
N CYS C 87 9.15 -16.98 16.45
CA CYS C 87 9.80 -18.00 15.63
C CYS C 87 11.22 -17.57 15.28
N THR C 88 12.08 -18.55 15.02
CA THR C 88 13.38 -18.29 14.42
C THR C 88 13.30 -18.31 12.88
N GLU C 89 14.35 -17.79 12.25
CA GLU C 89 14.47 -17.91 10.80
C GLU C 89 14.38 -19.36 10.32
N GLU C 90 15.04 -20.27 11.02
CA GLU C 90 14.99 -21.67 10.61
C GLU C 90 13.57 -22.21 10.70
N GLN C 91 12.85 -21.86 11.76
CA GLN C 91 11.45 -22.28 11.84
C GLN C 91 10.64 -21.67 10.70
N ALA C 92 10.86 -20.37 10.43
CA ALA C 92 10.12 -19.69 9.37
C ALA C 92 10.33 -20.34 8.01
N LYS C 93 11.59 -20.70 7.69
CA LYS C 93 11.84 -21.46 6.46
C LYS C 93 11.02 -22.75 6.43
N SER C 94 11.02 -23.47 7.56
CA SER C 94 10.30 -24.73 7.67
C SER C 94 8.79 -24.52 7.52
N TYR C 95 8.26 -23.44 8.12
CA TYR C 95 6.84 -23.15 7.97
C TYR C 95 6.47 -22.82 6.54
N MET C 96 7.33 -22.05 5.86
CA MET C 96 6.99 -21.73 4.48
C MET C 96 7.15 -22.92 3.56
N LYS C 97 8.13 -23.79 3.82
CA LYS C 97 8.20 -25.03 3.05
C LYS C 97 6.90 -25.83 3.16
N HIS C 98 6.33 -25.88 4.37
CA HIS C 98 5.04 -26.55 4.51
C HIS C 98 3.94 -25.78 3.80
N ASP C 99 3.95 -24.44 3.93
CA ASP C 99 2.97 -23.62 3.23
C ASP C 99 2.99 -23.91 1.74
N LEU C 100 4.17 -24.16 1.18
CA LEU C 100 4.36 -24.35 -0.25
C LEU C 100 3.83 -25.69 -0.77
N GLN C 101 3.48 -26.64 0.11
CA GLN C 101 3.14 -27.99 -0.34
C GLN C 101 1.93 -28.00 -1.28
N LYS C 102 0.94 -27.14 -1.00
CA LYS C 102 -0.16 -26.87 -1.93
C LYS C 102 0.32 -26.76 -3.37
N PHE C 103 1.36 -25.94 -3.59
CA PHE C 103 1.83 -25.65 -4.93
C PHE C 103 2.78 -26.70 -5.45
N VAL C 104 3.51 -27.36 -4.56
CA VAL C 104 4.32 -28.50 -4.96
C VAL C 104 3.43 -29.58 -5.53
N LYS C 105 2.35 -29.91 -4.81
CA LYS C 105 1.42 -30.93 -5.28
C LYS C 105 0.86 -30.55 -6.66
N ALA C 106 0.56 -29.27 -6.86
CA ALA C 106 -0.05 -28.84 -8.10
C ALA C 106 0.93 -28.93 -9.27
N VAL C 107 2.19 -28.55 -9.06
CA VAL C 107 3.16 -28.67 -10.14
C VAL C 107 3.38 -30.14 -10.48
N ASN C 108 3.41 -31.01 -9.45
CA ASN C 108 3.57 -32.44 -9.72
C ASN C 108 2.41 -33.00 -10.54
N LYS C 109 1.18 -32.67 -10.14
CA LYS C 109 0.01 -33.17 -10.86
C LYS C 109 -0.08 -32.57 -12.26
N LEU C 110 0.09 -31.24 -12.36
CA LEU C 110 -0.24 -30.55 -13.59
C LEU C 110 0.83 -30.67 -14.66
N VAL C 111 2.10 -30.82 -14.29
CA VAL C 111 3.17 -30.96 -15.28
C VAL C 111 3.33 -32.43 -15.64
N THR C 112 3.25 -32.74 -16.93
CA THR C 112 3.28 -34.13 -17.40
C THR C 112 4.56 -34.50 -18.12
N VAL C 113 5.51 -33.57 -18.26
CA VAL C 113 6.81 -33.83 -18.87
C VAL C 113 7.87 -33.87 -17.76
N PRO C 114 9.00 -34.54 -17.98
CA PRO C 114 10.05 -34.58 -16.93
C PRO C 114 10.62 -33.21 -16.62
N LEU C 115 10.92 -32.98 -15.34
CA LEU C 115 11.51 -31.72 -14.90
C LEU C 115 12.80 -31.97 -14.13
N LYS C 116 13.82 -31.15 -14.43
CA LYS C 116 14.95 -31.01 -13.53
C LYS C 116 14.52 -30.31 -12.24
N GLN C 117 15.26 -30.58 -11.15
CA GLN C 117 14.96 -29.94 -9.88
C GLN C 117 14.93 -28.41 -9.99
N THR C 118 15.88 -27.82 -10.71
CA THR C 118 15.89 -26.37 -10.87
C THR C 118 14.65 -25.87 -11.62
N GLN C 119 14.17 -26.65 -12.59
CA GLN C 119 12.94 -26.30 -13.29
C GLN C 119 11.75 -26.40 -12.35
N PHE C 120 11.69 -27.47 -11.57
CA PHE C 120 10.59 -27.65 -10.64
C PHE C 120 10.53 -26.51 -9.62
N ASP C 121 11.67 -26.16 -9.04
CA ASP C 121 11.73 -25.10 -8.03
C ASP C 121 11.24 -23.77 -8.57
N ALA C 122 11.68 -23.42 -9.79
CA ALA C 122 11.25 -22.15 -10.38
C ALA C 122 9.75 -22.15 -10.66
N LEU C 123 9.19 -23.30 -11.04
CA LEU C 123 7.73 -23.36 -11.25
C LEU C 123 6.97 -23.20 -9.94
N VAL C 124 7.44 -23.83 -8.87
CA VAL C 124 6.77 -23.65 -7.59
C VAL C 124 6.81 -22.18 -7.17
N SER C 125 7.91 -21.49 -7.47
CA SER C 125 8.00 -20.07 -7.13
C SER C 125 6.96 -19.27 -7.90
N LEU C 126 6.78 -19.61 -9.17
CA LEU C 126 5.79 -18.91 -9.99
C LEU C 126 4.37 -19.20 -9.49
N VAL C 127 4.05 -20.49 -9.28
CA VAL C 127 2.71 -20.87 -8.85
C VAL C 127 2.38 -20.27 -7.47
N TYR C 128 3.36 -20.26 -6.56
CA TYR C 128 3.18 -19.57 -5.29
C TYR C 128 2.74 -18.12 -5.51
N ASN C 129 3.31 -17.45 -6.51
CA ASN C 129 3.00 -16.05 -6.79
C ASN C 129 1.72 -15.86 -7.59
N ILE C 130 1.32 -16.82 -8.44
CA ILE C 130 0.15 -16.61 -9.29
C ILE C 130 -1.02 -17.55 -8.96
N GLY C 131 -0.80 -18.62 -8.19
CA GLY C 131 -1.86 -19.53 -7.82
C GLY C 131 -2.09 -20.64 -8.85
N GLU C 132 -2.82 -21.68 -8.41
CA GLU C 132 -2.95 -22.89 -9.22
C GLU C 132 -3.80 -22.65 -10.46
N GLY C 133 -4.91 -21.91 -10.30
CA GLY C 133 -5.82 -21.71 -11.42
C GLY C 133 -5.17 -20.95 -12.56
N ALA C 134 -4.44 -19.88 -12.24
CA ALA C 134 -3.73 -19.15 -13.28
C ALA C 134 -2.69 -20.05 -13.96
N PHE C 135 -1.91 -20.79 -13.16
CA PHE C 135 -0.92 -21.69 -13.74
C PHE C 135 -1.56 -22.73 -14.66
N ALA C 136 -2.59 -23.43 -14.15
CA ALA C 136 -3.22 -24.50 -14.91
C ALA C 136 -3.82 -24.01 -16.22
N GLY C 137 -4.30 -22.77 -16.26
CA GLY C 137 -4.81 -22.23 -17.50
C GLY C 137 -3.78 -21.59 -18.39
N SER C 138 -2.52 -21.55 -17.95
CA SER C 138 -1.52 -20.74 -18.61
C SER C 138 -1.09 -21.32 -19.96
N THR C 139 -0.64 -20.43 -20.84
CA THR C 139 0.11 -20.84 -22.00
C THR C 139 1.43 -21.46 -21.60
N LEU C 140 2.03 -20.99 -20.49
CA LEU C 140 3.24 -21.62 -19.96
C LEU C 140 3.06 -23.13 -19.84
N LEU C 141 1.99 -23.57 -19.18
CA LEU C 141 1.83 -24.99 -18.95
C LEU C 141 1.55 -25.72 -20.25
N LYS C 142 0.80 -25.08 -21.16
CA LYS C 142 0.56 -25.68 -22.48
C LYS C 142 1.85 -25.87 -23.25
N LYS C 143 2.70 -24.84 -23.30
CA LYS C 143 3.96 -25.01 -24.01
C LYS C 143 4.84 -26.06 -23.32
N LEU C 144 4.77 -26.14 -21.99
CA LEU C 144 5.65 -27.04 -21.24
C LEU C 144 5.28 -28.50 -21.46
N ASN C 145 3.99 -28.83 -21.30
CA ASN C 145 3.52 -30.18 -21.53
C ASN C 145 3.61 -30.62 -22.99
N SER C 146 3.82 -29.68 -23.89
CA SER C 146 4.11 -29.92 -25.30
C SER C 146 5.60 -30.01 -25.56
N LYS C 147 6.40 -30.03 -24.50
CA LYS C 147 7.86 -30.16 -24.56
C LYS C 147 8.54 -28.94 -25.16
N ASP C 148 7.83 -27.81 -25.23
CA ASP C 148 8.45 -26.53 -25.59
C ASP C 148 8.91 -25.82 -24.31
N TYR C 149 10.00 -26.35 -23.77
CA TYR C 149 10.57 -25.86 -22.52
C TYR C 149 10.99 -24.40 -22.65
N ALA C 150 11.62 -24.03 -23.78
CA ALA C 150 12.07 -22.65 -23.94
C ALA C 150 10.86 -21.71 -24.09
N GLY C 151 9.83 -22.17 -24.78
CA GLY C 151 8.59 -21.40 -24.83
C GLY C 151 7.97 -21.22 -23.47
N ALA C 152 8.00 -22.28 -22.64
CA ALA C 152 7.52 -22.19 -21.26
C ALA C 152 8.32 -21.16 -20.47
N ALA C 153 9.65 -21.17 -20.66
CA ALA C 153 10.49 -20.21 -19.96
C ALA C 153 10.08 -18.78 -20.26
N ALA C 154 9.82 -18.47 -21.54
CA ALA C 154 9.44 -17.11 -21.91
C ALA C 154 8.15 -16.70 -21.24
N GLN C 155 7.23 -17.64 -21.02
CA GLN C 155 5.95 -17.30 -20.41
C GLN C 155 6.09 -16.86 -18.95
N PHE C 156 7.20 -17.18 -18.27
CA PHE C 156 7.42 -16.63 -16.93
C PHE C 156 7.22 -15.11 -16.92
N LEU C 157 7.72 -14.43 -17.98
CA LEU C 157 7.79 -12.97 -17.98
C LEU C 157 6.44 -12.30 -18.19
N VAL C 158 5.40 -13.02 -18.62
CA VAL C 158 4.11 -12.35 -18.78
C VAL C 158 3.37 -12.18 -17.46
N TRP C 159 3.87 -12.78 -16.38
CA TRP C 159 3.17 -12.76 -15.09
C TRP C 159 3.77 -11.69 -14.17
N ASN C 160 3.80 -10.46 -14.67
CA ASN C 160 4.42 -9.35 -13.95
C ASN C 160 3.41 -8.29 -13.50
N LYS C 161 2.13 -8.63 -13.42
CA LYS C 161 1.10 -7.69 -13.02
C LYS C 161 0.53 -8.08 -11.65
N GLY C 162 0.14 -7.05 -10.89
CA GLY C 162 -0.55 -7.29 -9.63
C GLY C 162 -1.62 -6.22 -9.44
N ARG C 163 -2.56 -6.50 -8.53
CA ARG C 163 -3.67 -5.59 -8.34
C ARG C 163 -3.29 -4.38 -7.50
N VAL C 164 -3.71 -3.21 -7.96
CA VAL C 164 -3.61 -1.96 -7.21
C VAL C 164 -4.97 -1.28 -7.31
N LYS C 165 -5.60 -1.02 -6.16
CA LYS C 165 -7.02 -0.64 -6.10
C LYS C 165 -7.89 -1.57 -6.95
N GLY C 166 -8.52 -1.07 -8.00
CA GLY C 166 -9.47 -1.88 -8.75
C GLY C 166 -8.99 -2.53 -10.05
N LYS C 167 -7.72 -2.40 -10.39
CA LYS C 167 -7.20 -2.91 -11.64
C LYS C 167 -5.89 -3.65 -11.37
N LEU C 168 -5.32 -4.23 -12.43
CA LEU C 168 -3.99 -4.80 -12.38
C LEU C 168 -3.06 -3.86 -13.15
N GLU C 169 -1.78 -3.91 -12.81
CA GLU C 169 -0.77 -3.20 -13.59
C GLU C 169 0.56 -3.92 -13.37
N VAL C 170 1.49 -3.66 -14.28
CA VAL C 170 2.87 -4.12 -14.12
C VAL C 170 3.47 -3.51 -12.85
N ILE C 171 4.02 -4.36 -11.99
CA ILE C 171 4.49 -3.90 -10.68
C ILE C 171 5.99 -3.63 -10.69
N PRO C 172 6.46 -2.55 -10.01
CA PRO C 172 7.90 -2.42 -9.73
C PRO C 172 8.43 -3.62 -8.97
N GLY C 173 9.27 -4.42 -9.62
CA GLY C 173 9.91 -5.56 -8.99
C GLY C 173 9.35 -6.90 -9.43
N LEU C 174 8.14 -6.92 -10.01
CA LEU C 174 7.58 -8.18 -10.44
C LEU C 174 8.23 -8.67 -11.72
N THR C 175 8.55 -7.75 -12.62
CA THR C 175 9.35 -8.11 -13.80
C THR C 175 10.68 -8.72 -13.39
N ASN C 176 11.38 -8.06 -12.46
CA ASN C 176 12.66 -8.57 -11.96
C ASN C 176 12.52 -9.92 -11.27
N ARG C 177 11.44 -10.11 -10.50
CA ARG C 177 11.15 -11.42 -9.92
C ARG C 177 11.01 -12.50 -11.00
N ARG C 178 10.14 -12.25 -11.98
CA ARG C 178 9.94 -13.20 -13.08
C ARG C 178 11.23 -13.45 -13.84
N LYS C 179 12.05 -12.42 -14.02
CA LYS C 179 13.34 -12.60 -14.67
C LYS C 179 14.23 -13.56 -13.90
N LYS C 180 14.33 -13.35 -12.58
CA LYS C 180 15.14 -14.24 -11.75
C LYS C 180 14.59 -15.66 -11.76
N GLU C 181 13.27 -15.81 -11.75
CA GLU C 181 12.72 -17.17 -11.80
C GLU C 181 12.95 -17.81 -13.16
N LYS C 182 12.86 -17.03 -14.23
CA LYS C 182 13.14 -17.54 -15.57
C LYS C 182 14.59 -17.99 -15.67
N ALA C 183 15.52 -17.15 -15.19
CA ALA C 183 16.92 -17.54 -15.16
C ALA C 183 17.15 -18.82 -14.36
N TYR C 184 16.50 -18.95 -13.20
CA TYR C 184 16.60 -20.19 -12.43
C TYR C 184 16.13 -21.39 -13.25
N PHE C 185 14.99 -21.23 -13.90
CA PHE C 185 14.37 -22.29 -14.69
C PHE C 185 15.27 -22.78 -15.84
N GLU C 186 16.06 -21.88 -16.42
CA GLU C 186 16.85 -22.19 -17.60
C GLU C 186 18.29 -22.54 -17.28
N GLN C 187 18.62 -22.76 -16.00
CA GLN C 187 19.97 -23.19 -15.64
C GLN C 187 20.32 -24.46 -16.38
N HIS C 188 21.51 -24.47 -17.02
CA HIS C 188 21.91 -25.63 -17.79
C HIS C 188 22.61 -26.70 -16.97
N HIS C 189 23.20 -26.33 -15.83
CA HIS C 189 24.01 -27.24 -15.03
C HIS C 189 23.62 -27.18 -13.57
N HIS C 190 24.53 -27.64 -12.70
CA HIS C 190 24.41 -27.70 -11.23
C HIS C 190 23.03 -27.48 -10.63
N MET D 1 -31.75 -11.51 -40.67
CA MET D 1 -30.93 -11.49 -41.88
C MET D 1 -31.47 -12.52 -42.87
N ASP D 2 -31.07 -12.38 -44.14
CA ASP D 2 -31.60 -13.20 -45.23
C ASP D 2 -30.48 -13.40 -46.24
N VAL D 3 -29.86 -14.59 -46.26
CA VAL D 3 -28.77 -14.87 -47.18
C VAL D 3 -29.23 -15.54 -48.46
N LYS D 4 -30.53 -15.83 -48.61
CA LYS D 4 -30.97 -16.56 -49.78
C LYS D 4 -30.77 -15.82 -51.11
N PRO D 5 -31.04 -14.52 -51.26
CA PRO D 5 -30.77 -13.90 -52.57
C PRO D 5 -29.30 -13.91 -52.93
N PHE D 6 -28.42 -13.80 -51.93
CA PHE D 6 -26.98 -13.85 -52.14
C PHE D 6 -26.53 -15.22 -52.63
N PHE D 7 -27.08 -16.28 -52.03
CA PHE D 7 -26.71 -17.63 -52.43
C PHE D 7 -27.35 -18.03 -53.76
N ASP D 8 -28.59 -17.57 -54.01
CA ASP D 8 -29.20 -17.77 -55.31
C ASP D 8 -28.36 -17.14 -56.41
N ALA D 9 -27.95 -15.89 -56.21
CA ALA D 9 -27.19 -15.22 -57.25
C ALA D 9 -25.83 -15.87 -57.41
N ALA D 10 -25.20 -16.27 -56.29
CA ALA D 10 -23.92 -16.96 -56.37
C ALA D 10 -24.04 -18.29 -57.09
N ARG D 11 -25.10 -19.06 -56.81
CA ARG D 11 -25.26 -20.35 -57.46
C ARG D 11 -25.38 -20.18 -58.98
N GLU D 12 -26.16 -19.20 -59.42
CA GLU D 12 -26.37 -19.01 -60.86
C GLU D 12 -25.07 -18.57 -61.55
N LEU D 13 -24.30 -17.69 -60.89
CA LEU D 13 -22.99 -17.28 -61.38
C LEU D 13 -22.04 -18.46 -61.48
N ALA D 14 -22.16 -19.42 -60.57
CA ALA D 14 -21.23 -20.54 -60.55
C ALA D 14 -21.61 -21.62 -61.56
N GLY D 15 -22.67 -21.43 -62.32
CA GLY D 15 -23.09 -22.42 -63.28
C GLY D 15 -24.24 -23.29 -62.85
N GLY D 16 -24.86 -23.00 -61.70
CA GLY D 16 -26.06 -23.67 -61.25
C GLY D 16 -25.86 -24.58 -60.06
N ARG D 17 -24.63 -24.73 -59.58
CA ARG D 17 -24.38 -25.45 -58.35
C ARG D 17 -23.15 -24.86 -57.69
N LEU D 18 -23.05 -25.06 -56.38
CA LEU D 18 -21.92 -24.57 -55.61
C LEU D 18 -21.14 -25.74 -55.05
N THR D 19 -19.82 -25.66 -55.15
CA THR D 19 -18.92 -26.62 -54.51
C THR D 19 -18.81 -26.33 -53.02
N GLN D 20 -18.24 -27.28 -52.28
CA GLN D 20 -18.03 -27.05 -50.85
C GLN D 20 -17.15 -25.84 -50.59
N ALA D 21 -16.07 -25.70 -51.38
CA ALA D 21 -15.16 -24.58 -51.20
C ALA D 21 -15.83 -23.25 -51.51
N GLN D 22 -16.71 -23.23 -52.52
CA GLN D 22 -17.42 -22.01 -52.87
C GLN D 22 -18.42 -21.64 -51.79
N VAL D 23 -19.15 -22.61 -51.25
CA VAL D 23 -20.04 -22.33 -50.12
C VAL D 23 -19.27 -21.70 -48.96
N ASP D 24 -18.11 -22.27 -48.62
CA ASP D 24 -17.32 -21.70 -47.53
C ASP D 24 -16.83 -20.29 -47.85
N GLU D 25 -16.47 -20.05 -49.12
CA GLU D 25 -16.09 -18.70 -49.52
C GLU D 25 -17.25 -17.72 -49.34
N LEU D 26 -18.46 -18.11 -49.73
CA LEU D 26 -19.60 -17.23 -49.56
C LEU D 26 -19.87 -16.91 -48.09
N ASN D 27 -19.79 -17.92 -47.22
CA ASN D 27 -20.00 -17.68 -45.80
C ASN D 27 -18.95 -16.73 -45.23
N LYS D 28 -17.70 -16.87 -45.69
CA LYS D 28 -16.66 -15.97 -45.23
C LYS D 28 -16.95 -14.51 -45.62
N VAL D 29 -17.40 -14.29 -46.85
CA VAL D 29 -17.61 -12.91 -47.27
C VAL D 29 -18.86 -12.30 -46.63
N VAL D 30 -19.88 -13.11 -46.32
CA VAL D 30 -21.06 -12.56 -45.65
C VAL D 30 -20.67 -11.96 -44.31
N ASN D 31 -19.75 -12.61 -43.62
CA ASN D 31 -19.27 -12.10 -42.34
C ASN D 31 -18.51 -10.80 -42.51
N ARG D 32 -17.91 -10.57 -43.69
CA ARG D 32 -17.32 -9.25 -43.97
C ARG D 32 -18.37 -8.24 -44.43
N LEU D 33 -19.51 -8.69 -44.94
CA LEU D 33 -20.57 -7.75 -45.29
C LEU D 33 -21.37 -7.32 -44.08
N VAL D 34 -21.40 -8.14 -43.03
CA VAL D 34 -22.19 -7.86 -41.84
C VAL D 34 -21.37 -8.25 -40.63
N PRO D 35 -20.29 -7.53 -40.30
CA PRO D 35 -19.40 -7.99 -39.23
C PRO D 35 -19.92 -7.59 -37.86
N ASP D 36 -19.55 -8.39 -36.86
CA ASP D 36 -19.93 -8.11 -35.49
C ASP D 36 -19.05 -7.00 -34.93
N ASP D 37 -19.67 -6.04 -34.27
CA ASP D 37 -18.98 -4.96 -33.58
C ASP D 37 -19.40 -5.01 -32.12
N VAL D 38 -18.43 -5.14 -31.22
CA VAL D 38 -18.70 -5.30 -29.79
C VAL D 38 -17.84 -4.31 -29.01
N ASP D 39 -18.48 -3.51 -28.16
CA ASP D 39 -17.81 -2.54 -27.30
C ASP D 39 -18.53 -2.54 -25.96
N ILE D 40 -17.83 -2.05 -24.92
CA ILE D 40 -18.45 -1.81 -23.63
C ILE D 40 -19.51 -0.73 -23.78
N SER D 41 -20.65 -0.91 -23.11
CA SER D 41 -21.71 0.09 -23.13
C SER D 41 -21.45 1.17 -22.10
N ASP D 42 -22.26 2.24 -22.17
CA ASP D 42 -22.11 3.35 -21.24
C ASP D 42 -22.42 2.89 -19.82
N LEU D 43 -23.44 2.06 -19.66
CA LEU D 43 -23.75 1.52 -18.35
C LEU D 43 -22.67 0.55 -17.86
N GLY D 44 -22.03 -0.18 -18.78
CA GLY D 44 -20.92 -1.03 -18.37
C GLY D 44 -19.76 -0.22 -17.84
N VAL D 45 -19.47 0.92 -18.47
CA VAL D 45 -18.43 1.80 -17.96
C VAL D 45 -18.81 2.30 -16.57
N ASP D 46 -20.06 2.74 -16.41
CA ASP D 46 -20.60 3.16 -15.11
C ASP D 46 -20.48 2.07 -14.07
N LEU D 47 -20.81 0.84 -14.45
CA LEU D 47 -20.69 -0.31 -13.54
C LEU D 47 -19.28 -0.37 -12.95
N ILE D 48 -18.26 -0.13 -13.79
CA ILE D 48 -16.88 -0.18 -13.32
C ILE D 48 -16.53 1.06 -12.52
N ARG D 49 -16.94 2.24 -13.02
CA ARG D 49 -16.62 3.50 -12.35
C ARG D 49 -17.19 3.57 -10.95
N GLN D 50 -18.33 2.92 -10.72
CA GLN D 50 -18.96 2.74 -9.42
C GLN D 50 -17.95 2.53 -8.30
N PHE D 51 -16.92 1.73 -8.60
CA PHE D 51 -15.99 1.18 -7.63
C PHE D 51 -14.70 1.96 -7.51
N GLU D 52 -14.53 3.03 -8.26
CA GLU D 52 -13.27 3.75 -8.32
C GLU D 52 -13.46 5.19 -7.90
N GLY D 53 -12.41 5.76 -7.31
CA GLY D 53 -12.41 7.16 -6.94
C GLY D 53 -11.85 7.99 -8.08
N LEU D 54 -12.42 9.18 -8.25
CA LEU D 54 -11.95 10.13 -9.23
C LEU D 54 -10.86 10.98 -8.59
N ARG D 55 -9.72 11.10 -9.26
CA ARG D 55 -8.60 11.88 -8.78
C ARG D 55 -8.25 12.91 -9.83
N THR D 56 -8.42 14.19 -9.50
CA THR D 56 -8.20 15.23 -10.49
C THR D 56 -6.75 15.70 -10.57
N ARG D 57 -5.87 15.21 -9.69
CA ARG D 57 -4.45 15.45 -9.88
C ARG D 57 -3.67 14.21 -9.49
N ALA D 58 -2.54 14.05 -10.15
CA ALA D 58 -1.79 12.81 -10.12
C ALA D 58 -1.31 12.53 -8.70
N TYR D 59 -1.29 11.24 -8.34
CA TYR D 59 -0.82 10.82 -7.04
C TYR D 59 -0.06 9.52 -7.29
N GLN D 60 0.73 9.10 -6.29
CA GLN D 60 1.39 7.80 -6.39
C GLN D 60 0.50 6.72 -5.79
N ASP D 61 0.28 5.64 -6.54
CA ASP D 61 -0.46 4.51 -6.00
C ASP D 61 0.44 3.75 -5.01
N SER D 62 -0.09 2.68 -4.43
CA SER D 62 0.62 1.96 -3.37
C SER D 62 1.96 1.37 -3.82
N VAL D 63 2.25 1.26 -5.12
CA VAL D 63 3.57 0.78 -5.52
C VAL D 63 4.42 1.88 -6.14
N GLY D 64 4.03 3.14 -5.98
CA GLY D 64 4.84 4.26 -6.41
C GLY D 64 4.55 4.80 -7.81
N ILE D 65 3.55 4.29 -8.50
CA ILE D 65 3.29 4.67 -9.88
C ILE D 65 2.29 5.83 -9.88
N TRP D 66 2.63 6.88 -10.61
CA TRP D 66 1.80 8.07 -10.71
C TRP D 66 0.54 7.77 -11.53
N THR D 67 -0.60 8.18 -10.97
CA THR D 67 -1.92 7.76 -11.38
C THR D 67 -2.81 8.98 -11.32
N ILE D 68 -3.84 9.05 -12.16
CA ILE D 68 -4.77 10.17 -12.16
C ILE D 68 -6.09 9.66 -12.72
N GLY D 69 -7.15 10.46 -12.53
CA GLY D 69 -8.45 10.06 -13.09
C GLY D 69 -9.02 8.92 -12.28
N TYR D 70 -9.53 7.90 -12.98
CA TYR D 70 -10.06 6.69 -12.37
C TYR D 70 -9.06 5.54 -12.33
N GLY D 71 -7.78 5.81 -12.19
CA GLY D 71 -6.79 4.75 -12.24
C GLY D 71 -5.92 4.74 -13.48
N THR D 72 -5.88 5.84 -14.23
CA THR D 72 -5.09 5.94 -15.44
C THR D 72 -3.62 6.15 -15.08
N ILE D 73 -2.73 5.36 -15.70
CA ILE D 73 -1.30 5.60 -15.58
C ILE D 73 -0.64 5.94 -16.92
N ARG D 74 -1.34 5.77 -18.06
CA ARG D 74 -0.86 6.24 -19.36
C ARG D 74 -2.01 6.84 -20.14
N TYR D 75 -1.80 8.02 -20.73
CA TYR D 75 -2.84 8.72 -21.47
C TYR D 75 -3.09 8.06 -22.82
N PRO D 76 -4.24 8.33 -23.44
CA PRO D 76 -4.49 7.78 -24.79
C PRO D 76 -3.38 8.03 -25.79
N ASN D 77 -2.62 9.13 -25.65
CA ASN D 77 -1.53 9.42 -26.58
C ASN D 77 -0.24 8.66 -26.26
N GLY D 78 -0.26 7.80 -25.24
CA GLY D 78 0.90 7.00 -24.90
C GLY D 78 1.77 7.56 -23.79
N VAL D 79 1.56 8.82 -23.41
CA VAL D 79 2.39 9.46 -22.39
C VAL D 79 2.03 8.94 -21.01
N ALA D 80 3.06 8.59 -20.23
CA ALA D 80 2.86 8.20 -18.84
C ALA D 80 2.44 9.39 -17.97
N VAL D 81 1.50 9.13 -17.05
CA VAL D 81 1.12 10.12 -16.05
C VAL D 81 2.33 10.45 -15.18
N LYS D 82 2.47 11.72 -14.80
CA LYS D 82 3.58 12.10 -13.92
C LYS D 82 3.09 13.14 -12.93
N ALA D 83 3.93 13.36 -11.90
CA ALA D 83 3.59 14.29 -10.84
C ALA D 83 3.30 15.68 -11.38
N GLY D 84 2.33 16.35 -10.75
CA GLY D 84 1.86 17.65 -11.20
C GLY D 84 0.71 17.61 -12.19
N ASP D 85 0.50 16.50 -12.90
CA ASP D 85 -0.60 16.42 -13.86
C ASP D 85 -1.94 16.69 -13.19
N VAL D 86 -2.84 17.39 -13.91
CA VAL D 86 -4.22 17.57 -13.46
C VAL D 86 -5.17 17.21 -14.61
N CYS D 87 -6.40 16.87 -14.26
CA CYS D 87 -7.38 16.55 -15.29
C CYS D 87 -8.78 16.87 -14.79
N THR D 88 -9.68 17.13 -15.75
CA THR D 88 -11.10 17.29 -15.47
C THR D 88 -11.78 15.93 -15.41
N GLU D 89 -13.00 15.88 -14.87
CA GLU D 89 -13.69 14.59 -14.88
C GLU D 89 -13.97 14.11 -16.29
N GLU D 90 -14.33 15.02 -17.19
CA GLU D 90 -14.54 14.59 -18.58
C GLU D 90 -13.27 13.97 -19.15
N GLN D 91 -12.12 14.58 -18.89
CA GLN D 91 -10.88 13.94 -19.32
C GLN D 91 -10.71 12.58 -18.65
N ALA D 92 -10.94 12.52 -17.33
CA ALA D 92 -10.82 11.27 -16.59
C ALA D 92 -11.70 10.17 -17.19
N LYS D 93 -12.93 10.51 -17.58
CA LYS D 93 -13.79 9.48 -18.18
C LYS D 93 -13.26 9.07 -19.55
N SER D 94 -12.74 10.03 -20.31
CA SER D 94 -12.16 9.73 -21.61
C SER D 94 -10.93 8.83 -21.48
N TYR D 95 -10.08 9.09 -20.48
CA TYR D 95 -8.91 8.22 -20.27
C TYR D 95 -9.35 6.82 -19.89
N MET D 96 -10.37 6.71 -19.04
CA MET D 96 -10.77 5.40 -18.57
C MET D 96 -11.41 4.59 -19.68
N LYS D 97 -12.22 5.22 -20.54
CA LYS D 97 -12.75 4.51 -21.70
C LYS D 97 -11.60 3.98 -22.56
N HIS D 98 -10.55 4.78 -22.75
CA HIS D 98 -9.42 4.25 -23.49
C HIS D 98 -8.73 3.10 -22.72
N ASP D 99 -8.62 3.23 -21.39
CA ASP D 99 -7.99 2.16 -20.59
C ASP D 99 -8.69 0.82 -20.81
N LEU D 100 -10.01 0.82 -20.96
CA LEU D 100 -10.77 -0.43 -21.02
C LEU D 100 -10.73 -1.10 -22.39
N GLN D 101 -10.19 -0.43 -23.41
CA GLN D 101 -10.20 -0.98 -24.76
C GLN D 101 -9.45 -2.30 -24.83
N LYS D 102 -8.30 -2.37 -24.15
CA LYS D 102 -7.50 -3.60 -24.09
C LYS D 102 -8.33 -4.77 -23.56
N PHE D 103 -9.25 -4.51 -22.63
CA PHE D 103 -10.06 -5.55 -22.01
C PHE D 103 -11.32 -5.86 -22.79
N VAL D 104 -11.90 -4.86 -23.46
CA VAL D 104 -12.93 -5.14 -24.45
C VAL D 104 -12.40 -6.15 -25.47
N LYS D 105 -11.21 -5.88 -26.02
CA LYS D 105 -10.58 -6.82 -26.94
C LYS D 105 -10.41 -8.18 -26.30
N ALA D 106 -9.87 -8.22 -25.08
CA ALA D 106 -9.50 -9.51 -24.49
C ALA D 106 -10.73 -10.37 -24.20
N VAL D 107 -11.81 -9.77 -23.70
CA VAL D 107 -13.03 -10.53 -23.48
C VAL D 107 -13.56 -11.05 -24.81
N ASN D 108 -13.62 -10.18 -25.84
CA ASN D 108 -14.06 -10.61 -27.16
C ASN D 108 -13.24 -11.78 -27.68
N LYS D 109 -11.96 -11.86 -27.29
CA LYS D 109 -11.04 -12.84 -27.86
C LYS D 109 -11.10 -14.17 -27.10
N LEU D 110 -11.06 -14.11 -25.77
CA LEU D 110 -11.06 -15.31 -24.95
C LEU D 110 -12.43 -15.97 -24.90
N VAL D 111 -13.49 -15.19 -25.08
CA VAL D 111 -14.85 -15.73 -25.07
C VAL D 111 -15.23 -16.06 -26.51
N THR D 112 -15.55 -17.31 -26.78
CA THR D 112 -15.84 -17.74 -28.14
C THR D 112 -17.34 -17.95 -28.40
N VAL D 113 -18.19 -17.67 -27.43
CA VAL D 113 -19.64 -17.78 -27.58
C VAL D 113 -20.24 -16.39 -27.68
N PRO D 114 -21.47 -16.24 -28.17
CA PRO D 114 -22.12 -14.91 -28.15
C PRO D 114 -22.44 -14.45 -26.73
N LEU D 115 -22.53 -13.13 -26.60
CA LEU D 115 -22.78 -12.48 -25.31
C LEU D 115 -23.80 -11.37 -25.51
N LYS D 116 -24.81 -11.34 -24.66
CA LYS D 116 -25.66 -10.17 -24.56
C LYS D 116 -24.82 -8.98 -24.08
N GLN D 117 -25.25 -7.77 -24.45
CA GLN D 117 -24.47 -6.60 -24.10
C GLN D 117 -24.25 -6.51 -22.59
N THR D 118 -25.26 -6.91 -21.81
CA THR D 118 -25.13 -6.87 -20.37
C THR D 118 -24.15 -7.93 -19.88
N GLN D 119 -24.16 -9.11 -20.51
CA GLN D 119 -23.18 -10.13 -20.17
C GLN D 119 -21.78 -9.64 -20.47
N PHE D 120 -21.58 -9.09 -21.68
CA PHE D 120 -20.28 -8.53 -22.07
C PHE D 120 -19.79 -7.50 -21.06
N ASP D 121 -20.67 -6.53 -20.72
CA ASP D 121 -20.30 -5.49 -19.77
C ASP D 121 -19.78 -6.05 -18.46
N ALA D 122 -20.52 -7.00 -17.88
CA ALA D 122 -20.15 -7.53 -16.57
C ALA D 122 -18.82 -8.27 -16.63
N LEU D 123 -18.53 -8.92 -17.77
CA LEU D 123 -17.28 -9.65 -17.93
C LEU D 123 -16.09 -8.70 -18.06
N VAL D 124 -16.29 -7.55 -18.72
CA VAL D 124 -15.18 -6.60 -18.83
C VAL D 124 -14.84 -6.06 -17.44
N SER D 125 -15.87 -5.77 -16.64
CA SER D 125 -15.67 -5.37 -15.25
C SER D 125 -14.85 -6.41 -14.48
N LEU D 126 -15.22 -7.68 -14.61
CA LEU D 126 -14.53 -8.74 -13.89
C LEU D 126 -13.08 -8.86 -14.32
N VAL D 127 -12.84 -8.88 -15.63
CA VAL D 127 -11.50 -9.10 -16.15
C VAL D 127 -10.61 -7.89 -15.85
N TYR D 128 -11.18 -6.69 -15.90
CA TYR D 128 -10.44 -5.51 -15.47
C TYR D 128 -10.00 -5.63 -14.00
N ASN D 129 -10.82 -6.25 -13.16
CA ASN D 129 -10.49 -6.38 -11.74
C ASN D 129 -9.56 -7.57 -11.47
N ILE D 130 -9.73 -8.69 -12.17
CA ILE D 130 -8.92 -9.86 -11.88
C ILE D 130 -7.80 -10.11 -12.87
N GLY D 131 -7.81 -9.47 -14.02
CA GLY D 131 -6.79 -9.67 -15.02
C GLY D 131 -7.13 -10.79 -16.00
N GLU D 132 -6.50 -10.73 -17.16
CA GLU D 132 -6.73 -11.77 -18.16
C GLU D 132 -6.23 -13.13 -17.69
N GLY D 133 -5.06 -13.18 -17.06
CA GLY D 133 -4.49 -14.45 -16.68
C GLY D 133 -5.42 -15.27 -15.81
N ALA D 134 -5.97 -14.65 -14.77
CA ALA D 134 -6.95 -15.36 -13.94
C ALA D 134 -8.18 -15.71 -14.75
N PHE D 135 -8.64 -14.80 -15.60
CA PHE D 135 -9.80 -15.04 -16.46
C PHE D 135 -9.57 -16.26 -17.36
N ALA D 136 -8.45 -16.27 -18.10
CA ALA D 136 -8.11 -17.41 -18.97
C ALA D 136 -8.21 -18.75 -18.25
N GLY D 137 -7.60 -18.86 -17.08
CA GLY D 137 -7.62 -20.13 -16.37
C GLY D 137 -8.87 -20.39 -15.57
N SER D 138 -9.86 -19.51 -15.63
CA SER D 138 -10.99 -19.62 -14.72
C SER D 138 -11.91 -20.77 -15.12
N THR D 139 -12.49 -21.40 -14.10
CA THR D 139 -13.67 -22.23 -14.33
C THR D 139 -14.77 -21.43 -15.01
N LEU D 140 -14.92 -20.16 -14.62
CA LEU D 140 -15.90 -19.30 -15.25
C LEU D 140 -15.84 -19.40 -16.77
N LEU D 141 -14.66 -19.18 -17.35
CA LEU D 141 -14.57 -19.08 -18.81
C LEU D 141 -14.80 -20.42 -19.49
N LYS D 142 -14.43 -21.53 -18.85
CA LYS D 142 -14.63 -22.82 -19.49
C LYS D 142 -16.12 -23.13 -19.60
N LYS D 143 -16.88 -22.84 -18.54
CA LYS D 143 -18.32 -23.01 -18.60
C LYS D 143 -18.96 -22.06 -19.60
N LEU D 144 -18.54 -20.79 -19.58
CA LEU D 144 -19.05 -19.84 -20.57
C LEU D 144 -18.77 -20.32 -22.00
N ASN D 145 -17.56 -20.79 -22.28
CA ASN D 145 -17.31 -21.19 -23.66
C ASN D 145 -17.96 -22.53 -24.01
N SER D 146 -18.59 -23.18 -23.03
CA SER D 146 -19.42 -24.35 -23.29
C SER D 146 -20.88 -23.99 -23.48
N LYS D 147 -21.21 -22.70 -23.57
CA LYS D 147 -22.57 -22.19 -23.61
C LYS D 147 -23.33 -22.47 -22.32
N ASP D 148 -22.61 -22.65 -21.22
CA ASP D 148 -23.19 -22.79 -19.89
C ASP D 148 -23.21 -21.43 -19.21
N TYR D 149 -24.13 -20.57 -19.68
CA TYR D 149 -24.19 -19.19 -19.18
C TYR D 149 -24.60 -19.16 -17.72
N ALA D 150 -25.55 -20.01 -17.32
CA ALA D 150 -25.96 -20.04 -15.92
C ALA D 150 -24.81 -20.48 -15.02
N GLY D 151 -24.07 -21.50 -15.45
CA GLY D 151 -22.92 -21.93 -14.68
C GLY D 151 -21.87 -20.84 -14.56
N ALA D 152 -21.62 -20.12 -15.66
CA ALA D 152 -20.61 -19.07 -15.64
C ALA D 152 -21.00 -17.93 -14.71
N ALA D 153 -22.30 -17.60 -14.65
CA ALA D 153 -22.74 -16.52 -13.76
C ALA D 153 -22.39 -16.83 -12.30
N ALA D 154 -22.65 -18.06 -11.85
CA ALA D 154 -22.36 -18.39 -10.46
C ALA D 154 -20.86 -18.39 -10.16
N GLN D 155 -20.01 -18.50 -11.18
CA GLN D 155 -18.57 -18.46 -10.94
C GLN D 155 -18.07 -17.06 -10.60
N PHE D 156 -18.86 -16.02 -10.87
CA PHE D 156 -18.45 -14.67 -10.49
C PHE D 156 -18.08 -14.61 -9.02
N LEU D 157 -18.87 -15.25 -8.15
CA LEU D 157 -18.71 -15.02 -6.73
C LEU D 157 -17.45 -15.66 -6.15
N VAL D 158 -16.78 -16.54 -6.89
CA VAL D 158 -15.54 -17.12 -6.36
C VAL D 158 -14.36 -16.15 -6.49
N TRP D 159 -14.54 -15.05 -7.20
CA TRP D 159 -13.45 -14.11 -7.46
C TRP D 159 -13.45 -12.94 -6.49
N ASN D 160 -13.66 -13.22 -5.20
CA ASN D 160 -13.70 -12.22 -4.14
C ASN D 160 -12.42 -12.19 -3.32
N LYS D 161 -11.33 -12.74 -3.84
CA LYS D 161 -10.11 -12.85 -3.05
C LYS D 161 -8.97 -12.09 -3.73
N GLY D 162 -7.93 -11.86 -2.95
CA GLY D 162 -6.71 -11.23 -3.42
C GLY D 162 -5.55 -11.67 -2.57
N ARG D 163 -4.35 -11.13 -2.78
CA ARG D 163 -3.15 -11.59 -2.10
C ARG D 163 -2.79 -10.66 -0.94
N VAL D 164 -2.67 -11.23 0.26
CA VAL D 164 -2.20 -10.54 1.46
C VAL D 164 -1.05 -11.35 2.03
N LYS D 165 0.14 -10.73 2.10
CA LYS D 165 1.36 -11.37 2.60
C LYS D 165 1.65 -12.73 1.93
N GLY D 166 1.19 -12.91 0.68
CA GLY D 166 1.67 -14.02 -0.12
C GLY D 166 0.69 -15.15 -0.39
N LYS D 167 -0.57 -15.05 0.07
CA LYS D 167 -1.59 -16.04 -0.31
C LYS D 167 -2.98 -15.39 -0.31
N LEU D 168 -3.96 -16.16 -0.80
CA LEU D 168 -5.28 -15.63 -1.08
C LEU D 168 -6.14 -15.51 0.17
N GLU D 169 -6.90 -14.43 0.27
CA GLU D 169 -7.97 -14.35 1.25
C GLU D 169 -8.97 -13.31 0.80
N VAL D 170 -10.17 -13.40 1.38
CA VAL D 170 -11.28 -12.57 0.92
C VAL D 170 -10.99 -11.11 1.24
N ILE D 171 -11.16 -10.24 0.25
CA ILE D 171 -10.92 -8.81 0.41
C ILE D 171 -12.25 -8.13 0.69
N PRO D 172 -12.35 -7.32 1.74
CA PRO D 172 -13.61 -6.62 2.01
C PRO D 172 -14.02 -5.77 0.82
N GLY D 173 -15.30 -5.90 0.40
CA GLY D 173 -15.84 -5.22 -0.75
C GLY D 173 -15.92 -6.07 -2.01
N LEU D 174 -14.97 -6.99 -2.20
CA LEU D 174 -14.94 -7.79 -3.42
C LEU D 174 -16.13 -8.74 -3.49
N THR D 175 -16.62 -9.21 -2.34
CA THR D 175 -17.83 -10.01 -2.33
C THR D 175 -19.02 -9.21 -2.84
N ASN D 176 -19.17 -7.98 -2.34
CA ASN D 176 -20.26 -7.13 -2.82
C ASN D 176 -20.10 -6.84 -4.32
N ARG D 177 -18.88 -6.59 -4.78
CA ARG D 177 -18.67 -6.29 -6.19
C ARG D 177 -19.04 -7.49 -7.07
N ARG D 178 -18.53 -8.68 -6.73
CA ARG D 178 -18.88 -9.86 -7.51
C ARG D 178 -20.39 -10.10 -7.51
N LYS D 179 -21.04 -9.84 -6.38
CA LYS D 179 -22.49 -9.99 -6.33
C LYS D 179 -23.16 -9.00 -7.27
N LYS D 180 -22.69 -7.75 -7.30
CA LYS D 180 -23.27 -6.77 -8.21
C LYS D 180 -23.01 -7.10 -9.67
N GLU D 181 -21.82 -7.66 -9.97
CA GLU D 181 -21.50 -8.02 -11.34
C GLU D 181 -22.34 -9.20 -11.81
N LYS D 182 -22.56 -10.18 -10.92
CA LYS D 182 -23.42 -11.32 -11.25
C LYS D 182 -24.82 -10.86 -11.60
N ALA D 183 -25.42 -10.03 -10.74
CA ALA D 183 -26.74 -9.46 -11.05
C ALA D 183 -26.72 -8.82 -12.42
N TYR D 184 -25.72 -7.97 -12.68
CA TYR D 184 -25.58 -7.32 -13.97
C TYR D 184 -25.51 -8.34 -15.11
N PHE D 185 -24.69 -9.37 -14.95
CA PHE D 185 -24.54 -10.41 -15.97
C PHE D 185 -25.88 -11.08 -16.29
N GLU D 186 -26.76 -11.19 -15.30
CA GLU D 186 -27.97 -11.99 -15.38
C GLU D 186 -29.23 -11.17 -15.70
N GLN D 187 -29.10 -9.89 -16.08
CA GLN D 187 -30.32 -9.19 -16.45
C GLN D 187 -30.91 -9.75 -17.73
N HIS D 188 -32.17 -9.43 -17.97
CA HIS D 188 -32.89 -10.01 -19.10
C HIS D 188 -32.97 -9.03 -20.26
#